data_6XEC
#
_entry.id   6XEC
#
_cell.length_a   92.600
_cell.length_b   99.150
_cell.length_c   139.770
_cell.angle_alpha   90.000
_cell.angle_beta   90.000
_cell.angle_gamma   90.000
#
_symmetry.space_group_name_H-M   'P 21 21 21'
#
loop_
_entity.id
_entity.type
_entity.pdbx_description
1 polymer 'Histone deacetylase 2'
2 non-polymer 'ZINC ION'
3 non-polymer 'SULFATE ION'
4 non-polymer 'CALCIUM ION'
5 non-polymer DI(HYDROXYETHYL)ETHER
6 non-polymer (1S)-N-{(1S)-1-[5-cyano-2-(4-fluorophenyl)-1H-imidazol-4-yl]-7,7-dihydroxynonyl}-6-methyl-6-azaspiro[2.5]octane-1-carboxamide
7 water water
#
_entity_poly.entity_id   1
_entity_poly.type   'polypeptide(L)'
_entity_poly.pdbx_seq_one_letter_code
;MAYSQGGGKKKVCYYYDGDIGNYYYGQGHPMKPHRIRMTHNLLLNYGLYRKMEIYRPHKATAEEMTKYHSDEYIKFLRSI
RPDNMSEYSKQMQRFNVGEDCPVFDGLFEFCQLSTGGSVAGAVKLNRQQTDMAVNWAGGLHHAKKSEASGFCYVNDIVLA
ILELLKYHQRVLYIDIDIHHGDGVEEAFYTTDRVMTVSFHKYGEYFPGTGDLRDIGAGKGKYYAVNFPMRDGIDDESYGQ
IFKPIISKVMEMYQPSAVVLQCGADSLSGDRLGCFNLTVKGHAKCVEVVKTFNLPLLMLGGGGYTIRNVARCWTYETAVA
LDCEIPNELPYNDYFEYFGPDFKLHISPSNMTNQNTPEYMEKIKQRLFENLRMLPH
;
_entity_poly.pdbx_strand_id   A,B,C
#
loop_
_chem_comp.id
_chem_comp.type
_chem_comp.name
_chem_comp.formula
CA non-polymer 'CALCIUM ION' 'Ca 2'
PEG non-polymer DI(HYDROXYETHYL)ETHER 'C4 H10 O3'
SO4 non-polymer 'SULFATE ION' 'O4 S -2'
V1S non-polymer (1S)-N-{(1S)-1-[5-cyano-2-(4-fluorophenyl)-1H-imidazol-4-yl]-7,7-dihydroxynonyl}-6-methyl-6-azaspiro[2.5]octane-1-carboxamide 'C28 H38 F N5 O3'
ZN non-polymer 'ZINC ION' 'Zn 2'
#
# COMPACT_ATOMS: atom_id res chain seq x y z
N GLY A 8 30.83 20.59 -11.43
CA GLY A 8 31.82 20.74 -10.37
C GLY A 8 31.31 21.63 -9.25
N LYS A 9 32.25 22.30 -8.55
CA LYS A 9 31.92 23.21 -7.46
C LYS A 9 31.24 24.46 -8.01
N LYS A 10 30.22 24.93 -7.29
CA LYS A 10 29.42 26.05 -7.70
C LYS A 10 29.63 27.30 -6.85
N LYS A 11 29.27 28.46 -7.41
CA LYS A 11 29.36 29.72 -6.71
C LYS A 11 28.11 29.79 -5.80
N VAL A 12 28.30 30.13 -4.52
CA VAL A 12 27.20 30.21 -3.57
C VAL A 12 27.12 31.60 -2.98
N CYS A 13 25.93 32.21 -3.04
CA CYS A 13 25.66 33.52 -2.45
C CYS A 13 24.73 33.28 -1.28
N TYR A 14 25.04 33.89 -0.15
CA TYR A 14 24.31 33.68 1.09
C TYR A 14 23.75 35.01 1.61
N TYR A 15 22.47 35.02 2.05
CA TYR A 15 21.78 36.23 2.49
C TYR A 15 21.51 36.18 3.98
N TYR A 16 21.92 37.23 4.70
CA TYR A 16 21.75 37.27 6.14
C TYR A 16 21.78 38.69 6.66
N ASP A 17 20.87 39.01 7.56
CA ASP A 17 20.88 40.32 8.21
C ASP A 17 21.07 40.04 9.69
N GLY A 18 22.11 40.64 10.28
CA GLY A 18 22.47 40.50 11.68
C GLY A 18 21.38 40.83 12.70
N ASP A 19 20.34 41.57 12.28
CA ASP A 19 19.22 41.90 13.18
C ASP A 19 18.16 40.80 13.24
N ILE A 20 18.14 39.87 12.27
CA ILE A 20 17.10 38.84 12.20
C ILE A 20 16.89 38.06 13.53
N GLY A 21 17.97 37.73 14.23
CA GLY A 21 17.90 36.98 15.47
C GLY A 21 17.26 37.70 16.65
N ASN A 22 17.05 39.01 16.55
CA ASN A 22 16.44 39.77 17.65
C ASN A 22 14.91 39.80 17.64
N TYR A 23 14.29 39.40 16.52
CA TYR A 23 12.82 39.37 16.41
C TYR A 23 12.29 38.26 17.32
N TYR A 24 11.25 38.57 18.10
CA TYR A 24 10.76 37.62 19.10
C TYR A 24 9.27 37.44 18.98
N TYR A 25 8.85 36.20 18.70
CA TYR A 25 7.43 35.87 18.57
C TYR A 25 6.68 35.94 19.92
N GLY A 26 7.38 35.86 21.05
CA GLY A 26 6.74 35.92 22.34
C GLY A 26 6.94 34.69 23.19
N GLN A 27 6.75 34.82 24.51
CA GLN A 27 6.92 33.73 25.47
C GLN A 27 6.07 32.53 25.10
N GLY A 28 6.70 31.36 25.05
CA GLY A 28 6.00 30.13 24.72
C GLY A 28 5.85 29.82 23.24
N HIS A 29 6.10 30.81 22.34
CA HIS A 29 5.96 30.55 20.90
C HIS A 29 7.15 29.73 20.39
N PRO A 30 6.91 28.59 19.71
CA PRO A 30 8.04 27.76 19.26
C PRO A 30 8.92 28.35 18.15
N MET A 31 8.44 29.34 17.39
CA MET A 31 9.25 29.94 16.32
C MET A 31 10.29 30.90 16.90
N LYS A 32 11.57 30.57 16.74
CA LYS A 32 12.67 31.35 17.29
C LYS A 32 13.62 31.87 16.23
N PRO A 33 13.46 33.13 15.82
CA PRO A 33 14.38 33.69 14.80
C PRO A 33 15.86 33.63 15.21
N HIS A 34 16.13 33.52 16.52
CA HIS A 34 17.49 33.39 17.05
C HIS A 34 18.22 32.16 16.45
N ARG A 35 17.48 31.12 16.03
CA ARG A 35 18.10 29.94 15.39
C ARG A 35 18.87 30.33 14.07
N ILE A 36 18.43 31.41 13.37
N ILE A 36 18.44 31.39 13.36
CA ILE A 36 19.08 31.90 12.15
CA ILE A 36 19.12 31.83 12.14
C ILE A 36 20.46 32.48 12.52
C ILE A 36 20.49 32.48 12.52
N ARG A 37 20.54 33.20 13.65
CA ARG A 37 21.78 33.77 14.16
C ARG A 37 22.71 32.62 14.64
N MET A 38 22.16 31.58 15.29
CA MET A 38 22.97 30.43 15.73
C MET A 38 23.56 29.74 14.50
N THR A 39 22.77 29.58 13.43
CA THR A 39 23.24 28.94 12.20
C THR A 39 24.43 29.75 11.62
N HIS A 40 24.24 31.08 11.50
CA HIS A 40 25.25 31.98 10.99
C HIS A 40 26.54 31.91 11.78
N ASN A 41 26.45 31.99 13.12
CA ASN A 41 27.63 31.96 13.97
C ASN A 41 28.37 30.63 13.86
N LEU A 42 27.62 29.53 13.77
CA LEU A 42 28.25 28.22 13.64
C LEU A 42 28.99 28.09 12.30
N LEU A 43 28.34 28.52 11.19
CA LEU A 43 28.98 28.41 9.89
C LEU A 43 30.20 29.38 9.77
N LEU A 44 30.16 30.54 10.43
CA LEU A 44 31.30 31.46 10.47
C LEU A 44 32.47 30.79 11.19
N ASN A 45 32.19 30.13 12.36
CA ASN A 45 33.22 29.46 13.15
C ASN A 45 33.81 28.21 12.46
N TYR A 46 33.10 27.64 11.49
CA TYR A 46 33.64 26.51 10.70
C TYR A 46 34.49 27.03 9.50
N GLY A 47 34.49 28.34 9.26
CA GLY A 47 35.23 28.97 8.17
C GLY A 47 34.51 28.96 6.84
N LEU A 48 33.19 28.69 6.84
CA LEU A 48 32.41 28.61 5.60
C LEU A 48 32.22 29.97 4.86
N TYR A 49 32.65 31.07 5.47
CA TYR A 49 32.59 32.41 4.88
CA TYR A 49 32.63 32.43 4.93
C TYR A 49 33.69 32.60 3.82
N ARG A 50 34.77 31.81 3.86
CA ARG A 50 35.89 31.94 2.92
C ARG A 50 35.56 31.69 1.45
N LYS A 51 34.64 30.75 1.13
CA LYS A 51 34.31 30.52 -0.29
C LYS A 51 32.87 30.92 -0.62
N MET A 52 32.24 31.76 0.22
CA MET A 52 30.87 32.17 0.00
C MET A 52 30.73 33.68 -0.08
N GLU A 53 29.91 34.21 -1.00
CA GLU A 53 29.70 35.67 -1.06
C GLU A 53 28.57 35.94 -0.08
N ILE A 54 28.79 36.78 0.94
CA ILE A 54 27.76 37.04 1.96
C ILE A 54 27.14 38.41 1.67
N TYR A 55 25.82 38.47 1.56
CA TYR A 55 25.08 39.70 1.29
C TYR A 55 24.05 39.96 2.40
N ARG A 56 23.78 41.25 2.67
CA ARG A 56 22.76 41.63 3.63
C ARG A 56 21.56 42.01 2.77
N PRO A 57 20.44 41.31 2.92
CA PRO A 57 19.28 41.59 2.07
C PRO A 57 18.70 42.98 2.29
N HIS A 58 18.12 43.56 1.25
CA HIS A 58 17.43 44.84 1.38
C HIS A 58 16.08 44.55 2.11
N LYS A 59 15.41 45.57 2.64
CA LYS A 59 14.11 45.37 3.29
C LYS A 59 13.06 45.44 2.17
N ALA A 60 12.45 44.30 1.80
CA ALA A 60 11.46 44.25 0.71
C ALA A 60 10.33 45.26 0.96
N THR A 61 9.93 45.99 -0.07
CA THR A 61 8.90 47.02 0.08
C THR A 61 7.50 46.42 0.06
N ALA A 62 6.51 47.18 0.59
CA ALA A 62 5.09 46.76 0.56
C ALA A 62 4.67 46.47 -0.90
N GLU A 63 5.18 47.27 -1.84
CA GLU A 63 4.98 47.15 -3.27
C GLU A 63 5.52 45.81 -3.81
N GLU A 64 6.73 45.38 -3.38
CA GLU A 64 7.30 44.11 -3.80
C GLU A 64 6.40 42.96 -3.30
N MET A 65 5.91 43.07 -2.05
CA MET A 65 5.05 42.05 -1.45
C MET A 65 3.68 41.95 -2.13
N THR A 66 3.17 43.08 -2.65
CA THR A 66 1.87 43.08 -3.33
C THR A 66 1.95 42.48 -4.73
N LYS A 67 3.13 41.99 -5.19
CA LYS A 67 3.19 41.25 -6.44
C LYS A 67 2.36 39.91 -6.24
N TYR A 68 2.10 39.50 -4.98
CA TYR A 68 1.29 38.34 -4.66
C TYR A 68 0.19 38.68 -3.65
N HIS A 69 0.55 39.22 -2.47
CA HIS A 69 -0.42 39.52 -1.42
C HIS A 69 -1.33 40.70 -1.74
N SER A 70 -2.52 40.74 -1.12
CA SER A 70 -3.45 41.83 -1.39
C SER A 70 -2.94 43.13 -0.77
N ASP A 71 -3.34 44.26 -1.36
CA ASP A 71 -2.96 45.57 -0.85
C ASP A 71 -3.43 45.77 0.59
N GLU A 72 -4.67 45.35 0.90
CA GLU A 72 -5.21 45.49 2.24
C GLU A 72 -4.46 44.67 3.28
N TYR A 73 -4.05 43.44 2.92
CA TYR A 73 -3.31 42.59 3.85
C TYR A 73 -1.94 43.19 4.15
N ILE A 74 -1.21 43.63 3.12
CA ILE A 74 0.12 44.22 3.33
C ILE A 74 0.01 45.55 4.08
N LYS A 75 -1.06 46.35 3.82
CA LYS A 75 -1.25 47.61 4.55
C LYS A 75 -1.47 47.32 6.04
N PHE A 76 -2.24 46.27 6.35
CA PHE A 76 -2.49 45.83 7.73
C PHE A 76 -1.16 45.43 8.40
N LEU A 77 -0.34 44.60 7.72
CA LEU A 77 0.93 44.15 8.30
C LEU A 77 1.88 45.32 8.59
N ARG A 78 1.89 46.32 7.71
CA ARG A 78 2.71 47.53 7.82
C ARG A 78 2.26 48.48 8.95
N SER A 79 0.98 48.39 9.36
CA SER A 79 0.37 49.26 10.37
C SER A 79 0.20 48.71 11.78
N ILE A 80 -0.03 47.39 11.93
CA ILE A 80 -0.28 46.81 13.24
C ILE A 80 0.96 46.72 14.14
N ARG A 81 0.76 47.01 15.44
CA ARG A 81 1.79 46.99 16.49
C ARG A 81 1.14 46.51 17.79
N PRO A 82 1.92 45.98 18.75
CA PRO A 82 1.32 45.56 20.04
C PRO A 82 0.57 46.70 20.75
N ASP A 83 1.01 47.97 20.57
CA ASP A 83 0.38 49.13 21.21
C ASP A 83 -0.91 49.61 20.57
N ASN A 84 -1.17 49.21 19.32
CA ASN A 84 -2.40 49.64 18.63
C ASN A 84 -3.33 48.46 18.26
N MET A 85 -2.97 47.22 18.66
CA MET A 85 -3.71 45.96 18.42
C MET A 85 -5.20 46.06 18.71
N SER A 86 -5.56 46.75 19.82
CA SER A 86 -6.95 46.89 20.26
C SER A 86 -7.86 47.51 19.22
N GLU A 87 -7.30 48.35 18.34
CA GLU A 87 -8.07 49.02 17.28
C GLU A 87 -8.18 48.20 15.99
N TYR A 88 -7.54 47.01 15.93
CA TYR A 88 -7.52 46.15 14.75
C TYR A 88 -8.11 44.77 14.99
N SER A 89 -8.94 44.59 16.04
CA SER A 89 -9.53 43.28 16.32
C SER A 89 -10.26 42.64 15.14
N LYS A 90 -10.93 43.46 14.31
CA LYS A 90 -11.66 43.00 13.13
C LYS A 90 -10.70 42.50 12.03
N GLN A 91 -9.68 43.29 11.68
CA GLN A 91 -8.71 42.87 10.67
C GLN A 91 -7.88 41.70 11.15
N MET A 92 -7.58 41.62 12.45
CA MET A 92 -6.80 40.50 12.99
C MET A 92 -7.52 39.17 12.77
N GLN A 93 -8.84 39.13 13.00
CA GLN A 93 -9.61 37.91 12.79
C GLN A 93 -9.65 37.57 11.31
N ARG A 94 -9.86 38.58 10.47
CA ARG A 94 -9.94 38.44 9.01
C ARG A 94 -8.63 37.91 8.40
N PHE A 95 -7.50 38.36 8.93
CA PHE A 95 -6.18 37.98 8.42
C PHE A 95 -5.48 36.87 9.19
N ASN A 96 -6.17 36.28 10.17
CA ASN A 96 -5.67 35.18 10.99
C ASN A 96 -4.44 35.55 11.83
N VAL A 97 -4.41 36.78 12.34
CA VAL A 97 -3.35 37.22 13.21
C VAL A 97 -3.87 36.94 14.63
N GLY A 98 -3.16 36.11 15.37
CA GLY A 98 -3.56 35.68 16.70
C GLY A 98 -2.49 34.83 17.36
N GLU A 99 -2.85 33.71 17.99
CA GLU A 99 -1.87 32.87 18.68
C GLU A 99 -0.76 32.31 17.81
N ASP A 100 -1.09 31.68 16.65
CA ASP A 100 -0.05 31.12 15.79
C ASP A 100 0.78 32.20 15.14
N CYS A 101 0.14 33.27 14.68
CA CYS A 101 0.80 34.37 13.99
C CYS A 101 0.56 35.66 14.78
N PRO A 102 1.27 35.81 15.89
CA PRO A 102 1.02 36.98 16.74
C PRO A 102 1.59 38.28 16.25
N VAL A 103 1.12 39.35 16.87
CA VAL A 103 1.61 40.70 16.63
C VAL A 103 2.82 40.82 17.55
N PHE A 104 3.97 41.17 16.99
CA PHE A 104 5.16 41.36 17.80
C PHE A 104 5.91 42.61 17.34
N ASP A 105 6.77 43.16 18.21
CA ASP A 105 7.55 44.37 17.85
C ASP A 105 8.44 44.06 16.63
N GLY A 106 8.33 44.87 15.60
CA GLY A 106 9.16 44.70 14.41
C GLY A 106 8.66 43.62 13.44
N LEU A 107 7.40 43.16 13.61
CA LEU A 107 6.80 42.15 12.74
C LEU A 107 7.00 42.46 11.24
N PHE A 108 6.66 43.70 10.82
CA PHE A 108 6.81 44.06 9.42
C PHE A 108 8.25 44.02 8.96
N GLU A 109 9.18 44.55 9.76
CA GLU A 109 10.61 44.51 9.41
C GLU A 109 11.11 43.07 9.27
N PHE A 110 10.62 42.17 10.15
CA PHE A 110 10.97 40.75 10.07
C PHE A 110 10.52 40.18 8.71
N CYS A 111 9.29 40.51 8.29
CA CYS A 111 8.77 40.04 7.00
C CYS A 111 9.64 40.61 5.85
N GLN A 112 10.01 41.88 5.94
CA GLN A 112 10.82 42.56 4.92
C GLN A 112 12.20 41.90 4.73
N LEU A 113 12.84 41.46 5.83
CA LEU A 113 14.17 40.82 5.79
C LEU A 113 14.07 39.38 5.27
N SER A 114 13.04 38.65 5.75
CA SER A 114 12.80 37.28 5.29
C SER A 114 12.56 37.29 3.77
N THR A 115 11.67 38.19 3.31
CA THR A 115 11.34 38.32 1.90
C THR A 115 12.48 38.86 1.06
N GLY A 116 13.17 39.87 1.56
CA GLY A 116 14.31 40.48 0.88
C GLY A 116 15.37 39.49 0.50
N GLY A 117 15.70 38.56 1.40
CA GLY A 117 16.71 37.55 1.12
C GLY A 117 16.29 36.64 -0.02
N SER A 118 15.03 36.20 -0.01
CA SER A 118 14.52 35.30 -1.05
C SER A 118 14.44 35.94 -2.43
N VAL A 119 13.89 37.15 -2.49
N VAL A 119 13.88 37.16 -2.51
CA VAL A 119 13.76 37.87 -3.75
CA VAL A 119 13.77 37.84 -3.80
C VAL A 119 15.15 38.27 -4.27
C VAL A 119 15.15 38.28 -4.30
N ALA A 120 16.05 38.72 -3.39
CA ALA A 120 17.41 39.11 -3.83
C ALA A 120 18.17 37.88 -4.38
N GLY A 121 17.98 36.72 -3.75
CA GLY A 121 18.59 35.49 -4.23
C GLY A 121 18.07 35.10 -5.62
N ALA A 122 16.75 35.26 -5.83
CA ALA A 122 16.11 34.96 -7.13
C ALA A 122 16.66 35.92 -8.22
N VAL A 123 16.82 37.22 -7.88
CA VAL A 123 17.38 38.20 -8.84
C VAL A 123 18.81 37.78 -9.25
N LYS A 124 19.64 37.41 -8.26
CA LYS A 124 21.02 36.99 -8.49
C LYS A 124 21.09 35.77 -9.43
N LEU A 125 20.18 34.80 -9.23
CA LEU A 125 20.07 33.61 -10.07
C LEU A 125 19.62 34.00 -11.49
N ASN A 126 18.64 34.90 -11.62
CA ASN A 126 18.12 35.37 -12.91
C ASN A 126 19.23 36.05 -13.74
N ARG A 127 20.09 36.82 -13.05
CA ARG A 127 21.21 37.50 -13.73
C ARG A 127 22.40 36.59 -14.02
N GLN A 128 22.31 35.29 -13.65
CA GLN A 128 23.35 34.28 -13.85
C GLN A 128 24.63 34.66 -13.14
N GLN A 129 24.50 35.30 -11.96
CA GLN A 129 25.65 35.71 -11.17
C GLN A 129 25.99 34.73 -10.03
N THR A 130 25.21 33.65 -9.89
CA THR A 130 25.43 32.61 -8.92
C THR A 130 24.75 31.33 -9.38
N ASP A 131 25.26 30.22 -8.91
CA ASP A 131 24.69 28.92 -9.20
C ASP A 131 23.66 28.59 -8.09
N MET A 132 23.97 28.98 -6.84
CA MET A 132 23.11 28.76 -5.69
CA MET A 132 23.11 28.74 -5.70
C MET A 132 22.98 30.00 -4.85
N ALA A 133 21.77 30.24 -4.31
CA ALA A 133 21.53 31.38 -3.43
C ALA A 133 20.88 30.78 -2.17
N VAL A 134 21.31 31.19 -0.97
CA VAL A 134 20.83 30.62 0.29
C VAL A 134 20.23 31.72 1.17
N ASN A 135 19.00 31.51 1.68
CA ASN A 135 18.37 32.47 2.58
C ASN A 135 17.73 31.65 3.69
N TRP A 136 18.46 31.41 4.80
CA TRP A 136 17.88 30.60 5.87
C TRP A 136 16.72 31.27 6.59
N ALA A 137 16.58 32.61 6.46
CA ALA A 137 15.47 33.33 7.06
C ALA A 137 14.15 33.18 6.25
N GLY A 138 14.19 32.57 5.06
CA GLY A 138 13.00 32.42 4.25
C GLY A 138 12.37 31.04 4.39
N GLY A 139 11.55 30.65 3.43
CA GLY A 139 10.85 29.36 3.45
C GLY A 139 9.55 29.36 4.25
N LEU A 140 8.92 30.53 4.40
CA LEU A 140 7.67 30.67 5.19
C LEU A 140 6.47 30.32 4.30
N HIS A 141 6.38 29.03 4.02
CA HIS A 141 5.47 28.44 3.04
C HIS A 141 3.98 28.47 3.31
N HIS A 142 3.49 28.82 4.52
CA HIS A 142 2.04 28.77 4.78
C HIS A 142 1.28 30.06 4.48
N ALA A 143 1.99 31.20 4.36
CA ALA A 143 1.28 32.46 4.13
C ALA A 143 0.48 32.46 2.82
N LYS A 144 -0.75 33.00 2.88
CA LYS A 144 -1.64 33.05 1.72
C LYS A 144 -1.80 34.49 1.22
N LYS A 145 -2.46 34.69 0.08
CA LYS A 145 -2.68 36.02 -0.49
C LYS A 145 -3.16 37.08 0.52
N SER A 146 -4.20 36.77 1.33
CA SER A 146 -4.71 37.73 2.32
C SER A 146 -4.84 37.11 3.69
N GLU A 147 -3.90 36.21 4.04
CA GLU A 147 -3.98 35.54 5.32
C GLU A 147 -2.66 35.03 5.85
N ALA A 148 -2.37 35.31 7.12
CA ALA A 148 -1.19 34.75 7.79
C ALA A 148 -1.62 33.34 8.19
N SER A 149 -0.66 32.45 8.34
CA SER A 149 -0.93 31.08 8.76
C SER A 149 0.38 30.40 9.18
N GLY A 150 0.28 29.56 10.19
CA GLY A 150 1.36 28.71 10.69
C GLY A 150 2.71 29.38 10.85
N PHE A 151 2.71 30.49 11.57
CA PHE A 151 3.92 31.28 11.91
C PHE A 151 4.45 32.12 10.74
N CYS A 152 3.77 32.08 9.59
CA CYS A 152 4.10 32.75 8.33
C CYS A 152 3.17 33.93 8.04
N TYR A 153 3.72 35.09 7.66
CA TYR A 153 2.90 36.27 7.35
C TYR A 153 3.03 36.64 5.88
N VAL A 154 4.26 36.66 5.34
CA VAL A 154 4.47 36.99 3.94
C VAL A 154 5.14 35.80 3.28
N ASN A 155 4.58 35.33 2.17
CA ASN A 155 5.11 34.17 1.48
C ASN A 155 6.30 34.57 0.62
N ASP A 156 7.49 34.58 1.24
CA ASP A 156 8.73 34.94 0.50
C ASP A 156 8.98 33.97 -0.66
N ILE A 157 8.54 32.70 -0.53
CA ILE A 157 8.73 31.66 -1.56
C ILE A 157 7.97 31.99 -2.82
N VAL A 158 6.68 32.33 -2.69
CA VAL A 158 5.86 32.69 -3.84
C VAL A 158 6.46 33.92 -4.54
N LEU A 159 6.86 34.93 -3.77
CA LEU A 159 7.49 36.14 -4.33
C LEU A 159 8.79 35.81 -5.06
N ALA A 160 9.63 34.93 -4.49
CA ALA A 160 10.89 34.55 -5.14
C ALA A 160 10.60 33.77 -6.44
N ILE A 161 9.57 32.92 -6.43
CA ILE A 161 9.20 32.14 -7.62
C ILE A 161 8.69 33.06 -8.71
N LEU A 162 7.86 34.06 -8.35
CA LEU A 162 7.35 35.06 -9.30
C LEU A 162 8.54 35.79 -9.97
N GLU A 163 9.59 36.06 -9.18
CA GLU A 163 10.80 36.70 -9.70
C GLU A 163 11.48 35.74 -10.69
N LEU A 164 11.68 34.45 -10.31
CA LEU A 164 12.29 33.48 -11.21
C LEU A 164 11.48 33.29 -12.50
N LEU A 165 10.15 33.40 -12.44
CA LEU A 165 9.26 33.25 -13.61
C LEU A 165 9.49 34.35 -14.68
N LYS A 166 10.18 35.46 -14.32
CA LYS A 166 10.48 36.50 -15.30
C LYS A 166 11.49 35.98 -16.34
N TYR A 167 12.37 35.04 -15.98
CA TYR A 167 13.39 34.51 -16.88
C TYR A 167 13.34 32.99 -17.06
N HIS A 168 12.48 32.29 -16.31
CA HIS A 168 12.40 30.83 -16.40
C HIS A 168 11.00 30.39 -16.73
N GLN A 169 10.83 29.64 -17.82
CA GLN A 169 9.52 29.16 -18.23
C GLN A 169 8.91 28.20 -17.19
N ARG A 170 9.71 27.27 -16.67
CA ARG A 170 9.23 26.30 -15.70
C ARG A 170 10.10 26.31 -14.45
N VAL A 171 9.47 26.41 -13.27
CA VAL A 171 10.21 26.44 -12.02
C VAL A 171 9.75 25.28 -11.13
N LEU A 172 10.69 24.51 -10.57
CA LEU A 172 10.34 23.39 -9.69
C LEU A 172 10.50 23.82 -8.21
N TYR A 173 9.48 23.61 -7.41
CA TYR A 173 9.51 23.91 -5.98
C TYR A 173 9.49 22.57 -5.23
N ILE A 174 10.47 22.34 -4.33
CA ILE A 174 10.52 21.09 -3.55
C ILE A 174 10.50 21.46 -2.07
N ASP A 175 9.61 20.85 -1.29
CA ASP A 175 9.48 21.23 0.12
C ASP A 175 9.68 20.01 1.03
N ILE A 176 10.77 20.02 1.86
CA ILE A 176 11.07 18.91 2.79
C ILE A 176 10.77 19.25 4.27
N ASP A 177 10.08 20.35 4.53
CA ASP A 177 9.58 20.71 5.87
C ASP A 177 8.57 19.56 6.25
N ILE A 178 8.41 19.24 7.54
CA ILE A 178 7.48 18.18 7.93
C ILE A 178 6.03 18.57 7.59
N HIS A 179 5.73 19.89 7.48
CA HIS A 179 4.38 20.37 7.21
C HIS A 179 4.17 20.58 5.73
N HIS A 180 2.94 20.31 5.26
CA HIS A 180 2.59 20.51 3.85
C HIS A 180 2.80 21.98 3.44
N GLY A 181 3.44 22.21 2.29
CA GLY A 181 3.66 23.55 1.75
C GLY A 181 2.40 24.08 1.07
N ASP A 182 1.35 24.29 1.85
CA ASP A 182 0.04 24.70 1.34
C ASP A 182 -0.02 26.08 0.66
N GLY A 183 0.65 27.10 1.21
CA GLY A 183 0.59 28.44 0.63
C GLY A 183 1.19 28.49 -0.77
N VAL A 184 2.33 27.82 -0.95
CA VAL A 184 3.00 27.76 -2.24
C VAL A 184 2.17 26.91 -3.23
N GLU A 185 1.67 25.74 -2.77
CA GLU A 185 0.83 24.91 -3.64
C GLU A 185 -0.41 25.67 -4.12
N GLU A 186 -1.11 26.36 -3.20
CA GLU A 186 -2.32 27.12 -3.50
C GLU A 186 -2.03 28.24 -4.49
N ALA A 187 -0.92 28.99 -4.30
CA ALA A 187 -0.59 30.10 -5.20
C ALA A 187 -0.44 29.69 -6.66
N PHE A 188 0.13 28.50 -6.90
CA PHE A 188 0.40 28.01 -8.25
C PHE A 188 -0.47 26.81 -8.69
N TYR A 189 -1.52 26.52 -7.93
CA TYR A 189 -2.41 25.36 -8.15
C TYR A 189 -2.99 25.25 -9.57
N THR A 190 -3.28 26.39 -10.25
CA THR A 190 -3.87 26.30 -11.58
C THR A 190 -2.93 26.64 -12.72
N THR A 191 -1.60 26.65 -12.47
CA THR A 191 -0.65 26.90 -13.55
C THR A 191 0.33 25.74 -13.70
N ASP A 192 0.83 25.56 -14.92
CA ASP A 192 1.83 24.57 -15.25
C ASP A 192 3.26 25.17 -15.25
N ARG A 193 3.40 26.49 -15.02
CA ARG A 193 4.72 27.15 -15.01
C ARG A 193 5.50 26.86 -13.70
N VAL A 194 4.82 26.31 -12.68
CA VAL A 194 5.45 25.92 -11.44
C VAL A 194 4.96 24.52 -11.06
N MET A 195 5.87 23.60 -10.75
CA MET A 195 5.45 22.29 -10.25
C MET A 195 5.81 22.31 -8.77
N THR A 196 4.84 21.99 -7.90
CA THR A 196 5.12 22.00 -6.47
C THR A 196 5.19 20.56 -5.96
N VAL A 197 6.26 20.20 -5.26
CA VAL A 197 6.45 18.85 -4.74
C VAL A 197 6.66 18.92 -3.23
N SER A 198 5.74 18.36 -2.44
CA SER A 198 5.84 18.42 -0.99
C SER A 198 5.85 17.05 -0.36
N PHE A 199 6.81 16.80 0.53
CA PHE A 199 6.94 15.54 1.29
C PHE A 199 6.58 15.97 2.70
N HIS A 200 5.52 15.38 3.30
CA HIS A 200 5.11 15.87 4.62
C HIS A 200 4.33 14.84 5.43
N LYS A 201 4.26 15.05 6.75
CA LYS A 201 3.42 14.17 7.59
C LYS A 201 1.97 14.54 7.27
N TYR A 202 1.13 13.53 7.05
CA TYR A 202 -0.27 13.76 6.71
C TYR A 202 -1.13 12.86 7.59
N GLY A 203 -2.16 13.44 8.19
CA GLY A 203 -3.08 12.71 9.08
C GLY A 203 -3.11 13.29 10.48
N GLU A 204 -4.18 14.03 10.83
CA GLU A 204 -4.34 14.67 12.15
C GLU A 204 -3.10 15.53 12.45
N TYR A 205 -2.74 16.36 11.47
CA TYR A 205 -1.53 17.15 11.56
C TYR A 205 -1.68 18.43 10.77
N PHE A 206 -1.16 19.53 11.29
CA PHE A 206 -1.24 20.83 10.64
C PHE A 206 -0.50 20.80 9.29
N PRO A 207 -1.01 21.48 8.25
CA PRO A 207 -2.27 22.26 8.19
C PRO A 207 -3.52 21.48 7.77
N GLY A 208 -3.42 20.16 7.62
CA GLY A 208 -4.56 19.32 7.22
C GLY A 208 -4.72 19.06 5.73
N THR A 209 -3.89 19.70 4.92
CA THR A 209 -3.92 19.55 3.46
C THR A 209 -2.73 18.70 2.97
N GLY A 210 -2.64 18.45 1.67
CA GLY A 210 -1.54 17.69 1.10
C GLY A 210 -1.88 16.23 0.93
N ASP A 211 -3.14 15.92 0.60
CA ASP A 211 -3.53 14.53 0.35
C ASP A 211 -2.87 14.11 -0.96
N LEU A 212 -2.57 12.81 -1.08
CA LEU A 212 -1.99 12.17 -2.27
C LEU A 212 -2.82 12.55 -3.54
N ARG A 213 -4.15 12.69 -3.36
CA ARG A 213 -5.12 12.98 -4.42
C ARG A 213 -5.22 14.47 -4.79
N ASP A 214 -4.48 15.36 -4.11
CA ASP A 214 -4.48 16.78 -4.49
C ASP A 214 -3.34 16.92 -5.54
N ILE A 215 -3.71 16.97 -6.82
CA ILE A 215 -2.74 17.00 -7.91
C ILE A 215 -2.78 18.25 -8.78
N GLY A 216 -3.51 19.29 -8.37
CA GLY A 216 -3.61 20.51 -9.17
C GLY A 216 -4.98 20.61 -9.85
N ALA A 217 -5.24 21.73 -10.52
CA ALA A 217 -6.53 21.95 -11.20
C ALA A 217 -6.36 22.77 -12.49
N GLY A 218 -7.27 22.56 -13.47
CA GLY A 218 -7.20 23.26 -14.75
C GLY A 218 -5.88 23.02 -15.47
N LYS A 219 -5.20 24.10 -15.90
CA LYS A 219 -3.89 23.98 -16.54
C LYS A 219 -2.81 23.37 -15.58
N GLY A 220 -3.05 23.49 -14.27
CA GLY A 220 -2.15 22.96 -13.25
C GLY A 220 -2.37 21.50 -12.89
N LYS A 221 -3.34 20.82 -13.53
CA LYS A 221 -3.59 19.40 -13.21
C LYS A 221 -2.33 18.57 -13.53
N TYR A 222 -1.86 17.80 -12.54
CA TYR A 222 -0.63 16.97 -12.54
C TYR A 222 0.65 17.78 -12.18
N TYR A 223 0.51 19.09 -11.91
CA TYR A 223 1.66 19.94 -11.56
C TYR A 223 1.79 20.20 -10.06
N ALA A 224 1.02 19.48 -9.24
CA ALA A 224 1.14 19.56 -7.79
C ALA A 224 1.31 18.09 -7.37
N VAL A 225 2.38 17.81 -6.61
CA VAL A 225 2.71 16.46 -6.17
C VAL A 225 2.75 16.46 -4.65
N ASN A 226 2.05 15.50 -4.01
CA ASN A 226 2.05 15.43 -2.55
C ASN A 226 2.39 14.01 -2.12
N PHE A 227 3.41 13.86 -1.26
CA PHE A 227 3.82 12.56 -0.74
C PHE A 227 3.47 12.51 0.78
N PRO A 228 2.29 11.96 1.13
CA PRO A 228 1.88 11.90 2.54
C PRO A 228 2.62 10.82 3.31
N MET A 229 3.15 11.16 4.47
CA MET A 229 3.92 10.26 5.30
C MET A 229 3.32 10.16 6.72
N ARG A 230 3.68 9.09 7.43
CA ARG A 230 3.27 8.83 8.80
C ARG A 230 4.46 9.13 9.73
N ASP A 231 4.26 9.04 11.06
CA ASP A 231 5.34 9.27 12.02
C ASP A 231 6.54 8.33 11.86
N GLY A 232 7.70 8.81 12.29
CA GLY A 232 8.92 8.04 12.37
C GLY A 232 9.73 7.72 11.14
N ILE A 233 9.48 8.43 10.01
CA ILE A 233 10.29 8.18 8.80
C ILE A 233 11.81 8.37 9.08
N ASP A 234 12.64 7.46 8.59
CA ASP A 234 14.07 7.51 8.83
C ASP A 234 14.87 7.81 7.54
N ASP A 235 16.21 7.98 7.65
CA ASP A 235 17.06 8.27 6.49
C ASP A 235 16.90 7.24 5.38
N GLU A 236 16.87 5.96 5.75
CA GLU A 236 16.74 4.84 4.81
C GLU A 236 15.47 4.98 3.98
N SER A 237 14.31 5.11 4.62
CA SER A 237 13.01 5.25 3.96
C SER A 237 12.88 6.51 3.12
N TYR A 238 13.33 7.66 3.67
CA TYR A 238 13.25 8.94 2.95
C TYR A 238 14.13 8.87 1.69
N GLY A 239 15.33 8.32 1.83
CA GLY A 239 16.26 8.16 0.72
C GLY A 239 15.76 7.23 -0.36
N GLN A 240 14.95 6.22 0.03
CA GLN A 240 14.30 5.20 -0.83
C GLN A 240 13.35 5.88 -1.86
N ILE A 241 12.74 7.03 -1.50
CA ILE A 241 11.79 7.66 -2.40
C ILE A 241 12.15 9.04 -2.90
N PHE A 242 13.00 9.79 -2.20
CA PHE A 242 13.31 11.16 -2.61
C PHE A 242 14.01 11.23 -3.98
N LYS A 243 15.16 10.59 -4.13
CA LYS A 243 15.89 10.59 -5.40
C LYS A 243 15.02 10.04 -6.57
N PRO A 244 14.36 8.86 -6.48
CA PRO A 244 13.52 8.39 -7.60
C PRO A 244 12.41 9.37 -7.99
N ILE A 245 11.75 9.99 -6.99
CA ILE A 245 10.68 10.96 -7.31
C ILE A 245 11.26 12.21 -7.99
N ILE A 246 12.28 12.82 -7.39
CA ILE A 246 12.89 14.02 -7.95
C ILE A 246 13.48 13.73 -9.34
N SER A 247 14.12 12.56 -9.54
CA SER A 247 14.66 12.20 -10.86
C SER A 247 13.53 12.13 -11.91
N LYS A 248 12.38 11.54 -11.56
CA LYS A 248 11.25 11.43 -12.48
C LYS A 248 10.65 12.79 -12.77
N VAL A 249 10.54 13.65 -11.75
CA VAL A 249 10.02 14.99 -11.91
C VAL A 249 10.97 15.78 -12.85
N MET A 250 12.29 15.68 -12.63
CA MET A 250 13.27 16.38 -13.47
C MET A 250 13.14 15.92 -14.95
N GLU A 251 13.04 14.61 -15.15
CA GLU A 251 12.92 14.02 -16.47
C GLU A 251 11.68 14.50 -17.22
N MET A 252 10.50 14.45 -16.58
CA MET A 252 9.23 14.83 -17.21
C MET A 252 8.99 16.33 -17.30
N TYR A 253 9.28 17.06 -16.22
CA TYR A 253 8.99 18.49 -16.14
C TYR A 253 10.08 19.41 -16.75
N GLN A 254 11.36 18.99 -16.72
CA GLN A 254 12.48 19.76 -17.28
C GLN A 254 12.49 21.23 -16.82
N PRO A 255 12.53 21.47 -15.50
CA PRO A 255 12.54 22.87 -15.02
C PRO A 255 13.85 23.57 -15.34
N SER A 256 13.86 24.91 -15.43
CA SER A 256 15.13 25.62 -15.65
C SER A 256 15.69 26.25 -14.35
N ALA A 257 14.92 26.23 -13.25
CA ALA A 257 15.33 26.73 -11.94
C ALA A 257 14.61 25.93 -10.86
N VAL A 258 15.22 25.82 -9.68
CA VAL A 258 14.66 25.08 -8.56
C VAL A 258 14.69 25.89 -7.28
N VAL A 259 13.64 25.78 -6.47
CA VAL A 259 13.55 26.42 -5.15
C VAL A 259 13.37 25.23 -4.20
N LEU A 260 14.24 25.10 -3.20
CA LEU A 260 14.16 24.00 -2.26
C LEU A 260 13.97 24.56 -0.86
N GLN A 261 12.81 24.27 -0.26
CA GLN A 261 12.48 24.67 1.12
C GLN A 261 13.06 23.55 2.04
N CYS A 262 14.03 23.93 2.91
CA CYS A 262 14.76 23.00 3.79
C CYS A 262 14.33 23.02 5.23
N GLY A 263 13.03 23.11 5.50
CA GLY A 263 12.50 23.09 6.86
C GLY A 263 13.09 21.95 7.68
N ALA A 264 13.75 22.29 8.78
CA ALA A 264 14.46 21.31 9.62
C ALA A 264 13.59 20.64 10.68
N ASP A 265 12.27 20.89 10.67
CA ASP A 265 11.36 20.22 11.63
C ASP A 265 11.10 18.72 11.27
N SER A 266 11.64 18.27 10.13
CA SER A 266 11.59 16.85 9.72
C SER A 266 12.76 16.06 10.40
N LEU A 267 13.62 16.72 11.24
CA LEU A 267 14.69 16.02 11.93
C LEU A 267 14.17 15.33 13.17
N SER A 268 14.86 14.25 13.57
CA SER A 268 14.62 13.51 14.81
C SER A 268 14.76 14.49 15.99
N GLY A 269 13.90 14.36 16.99
CA GLY A 269 13.95 15.19 18.19
C GLY A 269 13.38 16.58 18.06
N ASP A 270 12.74 16.90 16.93
CA ASP A 270 12.13 18.23 16.77
C ASP A 270 10.99 18.41 17.77
N ARG A 271 10.89 19.61 18.37
CA ARG A 271 9.85 19.93 19.34
C ARG A 271 8.41 19.79 18.79
N LEU A 272 8.19 20.06 17.51
CA LEU A 272 6.87 19.97 16.90
CA LEU A 272 6.88 20.00 16.87
C LEU A 272 6.73 18.81 15.91
N GLY A 273 7.83 18.37 15.33
CA GLY A 273 7.83 17.26 14.37
C GLY A 273 7.85 15.86 14.95
N CYS A 274 7.39 14.89 14.15
CA CYS A 274 7.32 13.50 14.54
C CYS A 274 8.10 12.60 13.57
N PHE A 275 9.13 13.11 12.87
CA PHE A 275 9.95 12.33 11.95
C PHE A 275 11.27 11.93 12.66
N ASN A 276 12.08 11.09 12.02
CA ASN A 276 13.31 10.60 12.62
C ASN A 276 14.53 10.71 11.68
N LEU A 277 14.61 11.80 10.89
CA LEU A 277 15.76 11.99 10.01
C LEU A 277 16.95 12.51 10.78
N THR A 278 18.16 12.20 10.31
CA THR A 278 19.37 12.77 10.90
C THR A 278 19.74 13.98 10.00
N VAL A 279 20.75 14.79 10.37
CA VAL A 279 21.20 15.91 9.53
C VAL A 279 21.72 15.35 8.17
N LYS A 280 22.41 14.20 8.19
CA LYS A 280 22.91 13.60 6.93
C LYS A 280 21.75 13.20 6.01
N GLY A 281 20.69 12.63 6.58
CA GLY A 281 19.52 12.20 5.82
C GLY A 281 18.78 13.38 5.20
N HIS A 282 18.67 14.46 5.97
CA HIS A 282 18.01 15.68 5.52
C HIS A 282 18.87 16.32 4.40
N ALA A 283 20.18 16.43 4.63
CA ALA A 283 21.12 17.03 3.67
C ALA A 283 21.27 16.21 2.40
N LYS A 284 20.95 14.90 2.44
CA LYS A 284 20.99 14.06 1.23
C LYS A 284 20.01 14.66 0.17
N CYS A 285 18.91 15.34 0.61
CA CYS A 285 17.99 15.98 -0.33
C CYS A 285 18.65 17.11 -1.07
N VAL A 286 19.47 17.91 -0.37
CA VAL A 286 20.19 19.01 -0.98
C VAL A 286 21.20 18.44 -1.98
N GLU A 287 21.92 17.36 -1.61
CA GLU A 287 22.90 16.70 -2.51
C GLU A 287 22.19 16.23 -3.79
N VAL A 288 21.02 15.60 -3.64
CA VAL A 288 20.24 15.10 -4.80
C VAL A 288 19.84 16.23 -5.75
N VAL A 289 19.29 17.31 -5.22
CA VAL A 289 18.84 18.42 -6.06
C VAL A 289 20.03 19.10 -6.75
N LYS A 290 21.12 19.32 -6.02
CA LYS A 290 22.34 19.96 -6.51
C LYS A 290 22.95 19.19 -7.70
N THR A 291 22.79 17.87 -7.73
CA THR A 291 23.35 17.03 -8.79
C THR A 291 22.77 17.36 -10.18
N PHE A 292 21.54 17.94 -10.26
CA PHE A 292 20.94 18.30 -11.55
C PHE A 292 21.54 19.55 -12.21
N ASN A 293 22.46 20.24 -11.52
CA ASN A 293 23.14 21.43 -12.06
C ASN A 293 22.21 22.53 -12.59
N LEU A 294 21.12 22.83 -11.85
CA LEU A 294 20.22 23.90 -12.25
C LEU A 294 20.34 25.07 -11.26
N PRO A 295 20.02 26.32 -11.68
CA PRO A 295 20.01 27.45 -10.71
C PRO A 295 19.13 27.07 -9.49
N LEU A 296 19.67 27.20 -8.28
CA LEU A 296 18.97 26.73 -7.09
C LEU A 296 18.90 27.73 -5.96
N LEU A 297 17.68 27.98 -5.48
CA LEU A 297 17.45 28.89 -4.35
C LEU A 297 17.13 27.99 -3.17
N MET A 298 17.97 27.97 -2.14
CA MET A 298 17.77 27.15 -0.94
C MET A 298 17.24 28.04 0.17
N LEU A 299 16.13 27.62 0.79
CA LEU A 299 15.49 28.40 1.84
C LEU A 299 15.29 27.63 3.14
N GLY A 300 15.05 28.36 4.22
CA GLY A 300 14.81 27.75 5.52
C GLY A 300 13.35 27.32 5.65
N GLY A 301 12.81 27.45 6.85
CA GLY A 301 11.43 27.06 7.11
C GLY A 301 11.26 26.71 8.57
N GLY A 302 10.59 25.61 8.84
CA GLY A 302 10.39 25.16 10.22
C GLY A 302 11.68 24.63 10.85
N GLY A 303 11.60 24.25 12.11
CA GLY A 303 12.75 23.76 12.87
C GLY A 303 12.60 24.39 14.24
N TYR A 304 12.27 23.54 15.24
CA TYR A 304 11.90 24.00 16.59
C TYR A 304 12.78 23.50 17.75
N THR A 305 13.81 22.65 17.49
CA THR A 305 14.82 22.23 18.50
C THR A 305 16.02 22.98 17.91
N ILE A 306 16.22 24.23 18.36
CA ILE A 306 17.12 25.14 17.68
C ILE A 306 18.58 24.69 17.56
N ARG A 307 19.15 23.90 18.50
CA ARG A 307 20.54 23.43 18.29
C ARG A 307 20.62 22.53 17.01
N ASN A 308 19.54 21.73 16.76
CA ASN A 308 19.52 20.86 15.60
C ASN A 308 19.30 21.63 14.32
N VAL A 309 18.54 22.74 14.38
CA VAL A 309 18.31 23.59 13.21
C VAL A 309 19.66 24.18 12.78
N ALA A 310 20.43 24.71 13.75
CA ALA A 310 21.75 25.28 13.46
C ALA A 310 22.69 24.23 12.87
N ARG A 311 22.69 23.02 13.41
CA ARG A 311 23.54 21.95 12.88
C ARG A 311 23.15 21.64 11.43
N CYS A 312 21.84 21.51 11.19
CA CYS A 312 21.28 21.14 9.90
C CYS A 312 21.61 22.13 8.78
N TRP A 313 21.31 23.41 9.03
CA TRP A 313 21.56 24.43 8.02
C TRP A 313 23.04 24.74 7.86
N THR A 314 23.86 24.55 8.90
CA THR A 314 25.30 24.74 8.75
C THR A 314 25.82 23.61 7.80
N TYR A 315 25.38 22.37 8.04
CA TYR A 315 25.81 21.24 7.21
C TYR A 315 25.30 21.40 5.78
N GLU A 316 24.08 21.88 5.59
CA GLU A 316 23.51 22.08 4.23
C GLU A 316 24.22 23.21 3.47
N THR A 317 24.72 24.22 4.20
CA THR A 317 25.50 25.28 3.56
C THR A 317 26.86 24.64 3.11
N ALA A 318 27.45 23.78 3.95
CA ALA A 318 28.71 23.09 3.61
C ALA A 318 28.49 22.20 2.36
N VAL A 319 27.32 21.53 2.28
CA VAL A 319 26.95 20.68 1.14
C VAL A 319 26.88 21.55 -0.12
N ALA A 320 26.20 22.71 -0.05
CA ALA A 320 26.09 23.64 -1.19
C ALA A 320 27.48 24.04 -1.73
N LEU A 321 28.42 24.25 -0.82
CA LEU A 321 29.78 24.66 -1.15
C LEU A 321 30.72 23.50 -1.49
N ASP A 322 30.28 22.24 -1.34
CA ASP A 322 31.13 21.07 -1.56
C ASP A 322 32.34 21.12 -0.61
N CYS A 323 32.11 21.58 0.64
CA CYS A 323 33.17 21.65 1.61
CA CYS A 323 33.15 21.70 1.64
C CYS A 323 32.93 20.66 2.73
N GLU A 324 33.94 19.84 3.01
CA GLU A 324 33.83 18.86 4.07
C GLU A 324 34.14 19.62 5.37
N ILE A 325 33.33 19.39 6.40
CA ILE A 325 33.56 20.03 7.69
C ILE A 325 33.59 18.95 8.77
N PRO A 326 34.48 19.10 9.78
CA PRO A 326 34.57 18.06 10.83
C PRO A 326 33.34 17.92 11.72
N ASN A 327 33.17 16.73 12.29
CA ASN A 327 32.05 16.45 13.19
C ASN A 327 32.23 17.21 14.52
N GLU A 328 33.47 17.44 14.95
CA GLU A 328 33.75 18.18 16.18
C GLU A 328 33.36 19.64 15.94
N LEU A 329 32.41 20.16 16.73
CA LEU A 329 31.98 21.55 16.54
C LEU A 329 33.07 22.52 16.96
N PRO A 330 33.30 23.56 16.16
CA PRO A 330 34.28 24.57 16.58
C PRO A 330 33.66 25.40 17.70
N TYR A 331 34.51 26.05 18.52
CA TYR A 331 34.01 26.93 19.57
C TYR A 331 33.18 28.06 18.90
N ASN A 332 32.11 28.48 19.53
CA ASN A 332 31.23 29.51 18.96
C ASN A 332 30.45 30.23 20.07
N ASP A 333 29.71 31.31 19.73
CA ASP A 333 28.97 32.10 20.71
C ASP A 333 27.87 31.34 21.44
N TYR A 334 27.43 30.21 20.87
CA TYR A 334 26.34 29.41 21.43
C TYR A 334 26.80 27.99 21.72
N PHE A 335 28.10 27.79 21.97
CA PHE A 335 28.70 26.47 22.19
C PHE A 335 27.94 25.60 23.19
N GLU A 336 27.56 26.16 24.35
CA GLU A 336 26.82 25.45 25.40
C GLU A 336 25.46 24.86 24.93
N TYR A 337 24.85 25.43 23.88
CA TYR A 337 23.57 24.90 23.37
C TYR A 337 23.76 23.52 22.71
N PHE A 338 25.00 23.16 22.32
CA PHE A 338 25.29 21.93 21.60
C PHE A 338 25.77 20.77 22.45
N GLY A 339 25.71 20.92 23.78
CA GLY A 339 26.07 19.83 24.66
C GLY A 339 24.99 18.75 24.65
N PRO A 340 25.23 17.60 25.29
CA PRO A 340 26.45 17.20 26.00
C PRO A 340 27.59 16.71 25.10
N ASP A 341 27.33 16.48 23.81
CA ASP A 341 28.28 15.94 22.83
C ASP A 341 29.17 16.95 22.08
N PHE A 342 28.65 18.14 21.77
CA PHE A 342 29.41 19.16 21.03
C PHE A 342 29.84 18.63 19.65
N LYS A 343 28.95 17.85 18.99
CA LYS A 343 29.19 17.29 17.67
C LYS A 343 28.16 17.87 16.69
N LEU A 344 28.49 17.86 15.39
CA LEU A 344 27.61 18.41 14.38
C LEU A 344 26.46 17.44 14.03
N HIS A 345 26.79 16.16 13.90
CA HIS A 345 25.82 15.17 13.49
C HIS A 345 25.03 14.61 14.65
N ILE A 346 23.77 14.23 14.37
CA ILE A 346 22.85 13.72 15.37
C ILE A 346 22.51 12.26 15.13
N SER A 347 22.07 11.58 16.18
CA SER A 347 21.69 10.18 16.12
C SER A 347 20.18 10.08 16.03
N PRO A 348 19.63 9.10 15.28
CA PRO A 348 18.17 8.96 15.26
C PRO A 348 17.69 8.36 16.59
N SER A 349 16.42 8.57 16.91
CA SER A 349 15.83 8.03 18.12
C SER A 349 15.38 6.55 17.90
N ASN A 350 14.79 5.92 18.94
CA ASN A 350 14.28 4.55 18.81
C ASN A 350 12.81 4.54 18.35
N MET A 351 12.23 5.70 17.93
CA MET A 351 10.83 5.72 17.52
C MET A 351 10.54 4.77 16.36
N THR A 352 9.37 4.14 16.40
CA THR A 352 8.98 3.22 15.36
C THR A 352 8.70 4.01 14.08
N ASN A 353 9.13 3.46 12.95
CA ASN A 353 8.87 4.05 11.65
C ASN A 353 7.53 3.47 11.20
N GLN A 354 6.46 4.27 11.22
CA GLN A 354 5.14 3.80 10.78
CA GLN A 354 5.14 3.80 10.78
C GLN A 354 5.02 3.67 9.26
N ASN A 355 6.00 4.20 8.50
CA ASN A 355 6.03 4.15 7.05
C ASN A 355 6.72 2.85 6.62
N THR A 356 5.93 1.79 6.41
CA THR A 356 6.50 0.52 5.99
C THR A 356 7.12 0.66 4.60
N PRO A 357 8.09 -0.19 4.27
CA PRO A 357 8.68 -0.14 2.91
C PRO A 357 7.59 -0.32 1.81
N GLU A 358 6.55 -1.13 2.10
CA GLU A 358 5.45 -1.37 1.13
C GLU A 358 4.62 -0.11 0.92
N TYR A 359 4.37 0.64 2.00
CA TYR A 359 3.63 1.89 1.94
C TYR A 359 4.42 2.90 1.09
N MET A 360 5.74 3.04 1.36
CA MET A 360 6.57 3.98 0.62
C MET A 360 6.55 3.65 -0.91
N GLU A 361 6.67 2.38 -1.25
CA GLU A 361 6.64 1.98 -2.67
C GLU A 361 5.28 2.23 -3.29
N LYS A 362 4.20 1.95 -2.54
CA LYS A 362 2.85 2.15 -3.05
C LYS A 362 2.57 3.62 -3.35
N ILE A 363 2.92 4.53 -2.43
CA ILE A 363 2.70 5.96 -2.68
C ILE A 363 3.58 6.41 -3.89
N LYS A 364 4.82 5.94 -3.96
CA LYS A 364 5.71 6.29 -5.07
C LYS A 364 5.11 5.84 -6.41
N GLN A 365 4.53 4.63 -6.44
CA GLN A 365 3.93 4.14 -7.68
C GLN A 365 2.71 4.99 -8.08
N ARG A 366 1.89 5.45 -7.12
CA ARG A 366 0.75 6.31 -7.45
C ARG A 366 1.24 7.69 -8.00
N LEU A 367 2.33 8.21 -7.43
CA LEU A 367 2.88 9.49 -7.90
C LEU A 367 3.48 9.30 -9.31
N PHE A 368 4.13 8.16 -9.56
CA PHE A 368 4.66 7.86 -10.88
C PHE A 368 3.54 7.80 -11.93
N GLU A 369 2.35 7.24 -11.59
CA GLU A 369 1.19 7.18 -12.52
CA GLU A 369 1.22 7.18 -12.54
C GLU A 369 0.79 8.61 -12.91
N ASN A 370 0.78 9.53 -11.93
CA ASN A 370 0.39 10.92 -12.17
C ASN A 370 1.44 11.61 -13.02
N LEU A 371 2.73 11.35 -12.77
CA LEU A 371 3.81 11.96 -13.54
C LEU A 371 3.80 11.48 -15.02
N ARG A 372 3.24 10.29 -15.29
CA ARG A 372 3.10 9.78 -16.67
C ARG A 372 2.10 10.64 -17.48
N MET A 373 1.21 11.39 -16.79
CA MET A 373 0.22 12.24 -17.42
C MET A 373 0.76 13.57 -17.91
N LEU A 374 2.01 13.92 -17.62
CA LEU A 374 2.61 15.18 -18.09
C LEU A 374 2.93 15.08 -19.61
N PRO A 375 2.99 16.22 -20.35
CA PRO A 375 3.30 16.14 -21.78
C PRO A 375 4.75 15.74 -22.10
N LYS B 10 -33.28 -0.57 -2.40
CA LYS B 10 -33.31 -0.79 -0.96
C LYS B 10 -32.43 0.21 -0.18
N LYS B 11 -33.05 0.95 0.74
CA LYS B 11 -32.41 1.97 1.58
C LYS B 11 -31.61 1.35 2.72
N VAL B 12 -30.43 1.92 2.98
CA VAL B 12 -29.56 1.45 4.03
C VAL B 12 -29.26 2.58 5.04
N CYS B 13 -29.48 2.33 6.32
CA CYS B 13 -29.10 3.31 7.36
C CYS B 13 -27.93 2.68 8.13
N TYR B 14 -26.98 3.49 8.54
CA TYR B 14 -25.75 3.03 9.15
C TYR B 14 -25.44 3.90 10.36
N TYR B 15 -25.10 3.26 11.47
CA TYR B 15 -24.82 3.94 12.73
C TYR B 15 -23.36 3.94 13.06
N TYR B 16 -22.84 5.11 13.44
CA TYR B 16 -21.44 5.26 13.80
C TYR B 16 -21.22 6.48 14.68
N ASP B 17 -20.48 6.32 15.78
CA ASP B 17 -20.12 7.43 16.63
C ASP B 17 -18.60 7.56 16.55
N GLY B 18 -18.11 8.75 16.24
CA GLY B 18 -16.67 9.01 16.13
C GLY B 18 -15.82 8.74 17.36
N ASP B 19 -16.43 8.62 18.57
CA ASP B 19 -15.65 8.32 19.77
C ASP B 19 -15.39 6.80 19.92
N ILE B 20 -16.15 5.96 19.20
CA ILE B 20 -16.10 4.51 19.34
C ILE B 20 -14.69 3.93 19.21
N GLY B 21 -13.89 4.40 18.26
CA GLY B 21 -12.54 3.88 18.06
C GLY B 21 -11.55 4.21 19.17
N ASN B 22 -11.91 5.15 20.06
CA ASN B 22 -11.01 5.56 21.14
C ASN B 22 -11.10 4.72 22.40
N TYR B 23 -12.13 3.87 22.54
CA TYR B 23 -12.27 3.01 23.71
C TYR B 23 -11.18 1.95 23.63
N TYR B 24 -10.51 1.71 24.73
CA TYR B 24 -9.36 0.80 24.74
C TYR B 24 -9.49 -0.25 25.81
N TYR B 25 -9.54 -1.52 25.42
CA TYR B 25 -9.65 -2.64 26.37
C TYR B 25 -8.39 -2.85 27.21
N GLY B 26 -7.25 -2.28 26.82
CA GLY B 26 -6.01 -2.46 27.57
C GLY B 26 -4.95 -3.21 26.77
N GLN B 27 -3.68 -3.04 27.18
CA GLN B 27 -2.56 -3.68 26.51
C GLN B 27 -2.67 -5.19 26.49
N GLY B 28 -2.51 -5.76 25.30
CA GLY B 28 -2.56 -7.20 25.07
C GLY B 28 -3.96 -7.74 24.81
N HIS B 29 -5.02 -6.94 25.04
CA HIS B 29 -6.38 -7.40 24.81
C HIS B 29 -6.68 -7.45 23.31
N PRO B 30 -7.14 -8.59 22.79
CA PRO B 30 -7.39 -8.69 21.33
C PRO B 30 -8.56 -7.84 20.78
N MET B 31 -9.53 -7.44 21.63
CA MET B 31 -10.67 -6.65 21.13
C MET B 31 -10.24 -5.21 20.94
N LYS B 32 -10.31 -4.73 19.71
CA LYS B 32 -9.85 -3.38 19.36
C LYS B 32 -10.92 -2.53 18.68
N PRO B 33 -11.63 -1.69 19.45
CA PRO B 33 -12.68 -0.84 18.86
C PRO B 33 -12.21 0.03 17.69
N HIS B 34 -10.91 0.32 17.60
CA HIS B 34 -10.33 1.09 16.50
C HIS B 34 -10.65 0.43 15.13
N ARG B 35 -10.90 -0.91 15.10
CA ARG B 35 -11.24 -1.57 13.83
C ARG B 35 -12.57 -0.98 13.26
N ILE B 36 -13.46 -0.47 14.13
CA ILE B 36 -14.73 0.12 13.67
C ILE B 36 -14.42 1.45 12.94
N ARG B 37 -13.51 2.23 13.50
CA ARG B 37 -13.09 3.49 12.87
C ARG B 37 -12.36 3.19 11.53
N MET B 38 -11.54 2.13 11.48
CA MET B 38 -10.84 1.77 10.23
C MET B 38 -11.88 1.43 9.15
N THR B 39 -12.94 0.70 9.53
CA THR B 39 -14.02 0.35 8.61
C THR B 39 -14.69 1.62 8.08
N HIS B 40 -15.03 2.53 8.98
CA HIS B 40 -15.72 3.79 8.67
C HIS B 40 -14.89 4.61 7.70
N ASN B 41 -13.59 4.74 7.97
CA ASN B 41 -12.74 5.56 7.10
C ASN B 41 -12.53 4.92 5.73
N LEU B 42 -12.47 3.60 5.68
CA LEU B 42 -12.30 2.90 4.41
C LEU B 42 -13.58 3.10 3.55
N LEU B 43 -14.80 2.94 4.15
N LEU B 43 -14.77 3.00 4.20
CA LEU B 43 -16.02 3.12 3.35
CA LEU B 43 -16.07 3.20 3.55
C LEU B 43 -16.21 4.60 2.94
C LEU B 43 -16.15 4.59 2.96
N LEU B 44 -15.69 5.59 3.72
CA LEU B 44 -15.71 7.01 3.30
C LEU B 44 -14.88 7.17 2.04
N ASN B 45 -13.65 6.62 2.06
CA ASN B 45 -12.69 6.77 0.97
C ASN B 45 -13.11 6.00 -0.29
N TYR B 46 -13.98 4.97 -0.14
CA TYR B 46 -14.51 4.28 -1.32
C TYR B 46 -15.73 5.07 -1.91
N GLY B 47 -16.19 6.14 -1.26
CA GLY B 47 -17.32 6.93 -1.72
C GLY B 47 -18.66 6.34 -1.37
N LEU B 48 -18.68 5.34 -0.46
CA LEU B 48 -19.90 4.64 -0.09
C LEU B 48 -20.91 5.44 0.77
N TYR B 49 -20.55 6.64 1.28
CA TYR B 49 -21.53 7.43 2.06
C TYR B 49 -22.66 8.00 1.18
N ARG B 50 -22.38 8.18 -0.13
CA ARG B 50 -23.32 8.77 -1.07
C ARG B 50 -24.72 8.14 -1.08
N LYS B 51 -24.83 6.81 -1.06
CA LYS B 51 -26.18 6.18 -1.08
C LYS B 51 -26.59 5.64 0.27
N MET B 52 -25.97 6.08 1.37
CA MET B 52 -26.28 5.58 2.69
CA MET B 52 -26.31 5.59 2.70
C MET B 52 -26.71 6.71 3.66
N GLU B 53 -27.65 6.44 4.58
CA GLU B 53 -28.07 7.44 5.55
C GLU B 53 -27.19 7.12 6.75
N ILE B 54 -26.33 8.05 7.13
CA ILE B 54 -25.43 7.84 8.24
C ILE B 54 -25.92 8.59 9.46
N TYR B 55 -26.06 7.88 10.59
CA TYR B 55 -26.48 8.49 11.83
C TYR B 55 -25.50 8.24 12.95
N ARG B 56 -25.48 9.17 13.93
CA ARG B 56 -24.70 9.01 15.13
C ARG B 56 -25.73 8.40 16.11
N PRO B 57 -25.41 7.26 16.73
CA PRO B 57 -26.37 6.66 17.67
C PRO B 57 -26.51 7.48 18.96
N HIS B 58 -27.66 7.35 19.62
CA HIS B 58 -27.84 7.98 20.92
C HIS B 58 -27.11 7.04 21.93
N LYS B 59 -26.87 7.51 23.15
CA LYS B 59 -26.30 6.70 24.19
C LYS B 59 -27.50 6.01 24.80
N ALA B 60 -27.61 4.68 24.66
CA ALA B 60 -28.72 3.91 25.21
C ALA B 60 -28.81 4.11 26.74
N THR B 61 -30.02 4.34 27.25
CA THR B 61 -30.18 4.59 28.69
C THR B 61 -30.17 3.30 29.51
N ALA B 62 -30.00 3.42 30.85
CA ALA B 62 -30.08 2.25 31.74
C ALA B 62 -31.49 1.62 31.61
N GLU B 63 -32.54 2.44 31.39
CA GLU B 63 -33.92 1.98 31.21
C GLU B 63 -34.03 1.11 29.95
N GLU B 64 -33.37 1.51 28.86
CA GLU B 64 -33.35 0.73 27.63
C GLU B 64 -32.61 -0.61 27.90
N MET B 65 -31.46 -0.59 28.58
CA MET B 65 -30.67 -1.80 28.84
C MET B 65 -31.37 -2.78 29.79
N THR B 66 -32.15 -2.26 30.75
CA THR B 66 -32.85 -3.15 31.69
C THR B 66 -34.10 -3.82 31.08
N LYS B 67 -34.39 -3.59 29.78
CA LYS B 67 -35.45 -4.33 29.11
C LYS B 67 -35.03 -5.85 29.06
N TYR B 68 -33.72 -6.15 29.22
CA TYR B 68 -33.19 -7.49 29.26
C TYR B 68 -32.32 -7.67 30.53
N HIS B 69 -31.27 -6.87 30.69
CA HIS B 69 -30.34 -7.01 31.80
C HIS B 69 -30.95 -6.65 33.15
N SER B 70 -30.38 -7.19 34.23
CA SER B 70 -30.89 -6.85 35.57
C SER B 70 -30.47 -5.44 35.96
N ASP B 71 -31.31 -4.80 36.75
CA ASP B 71 -31.07 -3.44 37.24
C ASP B 71 -29.75 -3.35 38.02
N GLU B 72 -29.41 -4.40 38.79
CA GLU B 72 -28.19 -4.48 39.58
C GLU B 72 -26.93 -4.53 38.69
N TYR B 73 -26.98 -5.38 37.65
CA TYR B 73 -25.85 -5.49 36.73
C TYR B 73 -25.63 -4.16 35.98
N ILE B 74 -26.70 -3.53 35.48
CA ILE B 74 -26.57 -2.24 34.77
C ILE B 74 -26.05 -1.12 35.69
N LYS B 75 -26.55 -1.08 36.93
CA LYS B 75 -26.09 -0.09 37.92
C LYS B 75 -24.58 -0.29 38.17
N PHE B 76 -24.12 -1.55 38.23
CA PHE B 76 -22.73 -1.86 38.39
C PHE B 76 -21.88 -1.34 37.19
N LEU B 77 -22.32 -1.61 35.94
CA LEU B 77 -21.59 -1.15 34.76
C LEU B 77 -21.54 0.39 34.72
N ARG B 78 -22.62 1.05 35.18
CA ARG B 78 -22.73 2.52 35.19
C ARG B 78 -21.81 3.15 36.27
N SER B 79 -21.44 2.38 37.30
CA SER B 79 -20.63 2.85 38.42
C SER B 79 -19.15 2.48 38.42
N ILE B 80 -18.80 1.31 37.89
CA ILE B 80 -17.43 0.81 37.91
C ILE B 80 -16.47 1.64 37.04
N ARG B 81 -15.31 1.96 37.61
CA ARG B 81 -14.25 2.73 36.96
C ARG B 81 -12.90 2.16 37.40
N PRO B 82 -11.83 2.35 36.60
CA PRO B 82 -10.51 1.86 37.02
C PRO B 82 -10.07 2.45 38.38
N ASP B 83 -10.46 3.70 38.69
CA ASP B 83 -10.06 4.35 39.95
C ASP B 83 -10.86 3.89 41.18
N ASN B 84 -11.99 3.17 41.01
CA ASN B 84 -12.76 2.71 42.18
C ASN B 84 -12.90 1.18 42.27
N MET B 85 -12.20 0.42 41.38
CA MET B 85 -12.18 -1.04 41.28
C MET B 85 -11.97 -1.79 42.58
N SER B 86 -11.04 -1.31 43.42
CA SER B 86 -10.74 -1.95 44.70
C SER B 86 -11.95 -2.05 45.64
N GLU B 87 -12.98 -1.18 45.46
CA GLU B 87 -14.19 -1.20 46.28
C GLU B 87 -15.31 -2.10 45.71
N TYR B 88 -15.09 -2.72 44.54
CA TYR B 88 -16.11 -3.55 43.91
C TYR B 88 -15.64 -4.99 43.65
N SER B 89 -14.71 -5.51 44.46
CA SER B 89 -14.19 -6.87 44.28
C SER B 89 -15.28 -7.94 44.24
N LYS B 90 -16.28 -7.87 45.14
CA LYS B 90 -17.39 -8.83 45.18
C LYS B 90 -18.26 -8.76 43.92
N GLN B 91 -18.67 -7.53 43.51
CA GLN B 91 -19.49 -7.40 42.31
C GLN B 91 -18.72 -7.76 41.04
N MET B 92 -17.41 -7.48 40.96
CA MET B 92 -16.63 -7.85 39.77
C MET B 92 -16.61 -9.38 39.59
N GLN B 93 -16.55 -10.13 40.71
CA GLN B 93 -16.56 -11.58 40.65
C GLN B 93 -17.95 -12.08 40.25
N ARG B 94 -19.01 -11.52 40.84
CA ARG B 94 -20.36 -11.94 40.51
C ARG B 94 -20.72 -11.67 39.03
N PHE B 95 -20.36 -10.48 38.53
CA PHE B 95 -20.68 -10.07 37.17
C PHE B 95 -19.65 -10.46 36.10
N ASN B 96 -18.62 -11.25 36.49
CA ASN B 96 -17.57 -11.77 35.61
C ASN B 96 -16.75 -10.70 34.89
N VAL B 97 -16.40 -9.65 35.63
CA VAL B 97 -15.56 -8.60 35.09
C VAL B 97 -14.16 -9.00 35.54
N GLY B 98 -13.29 -9.22 34.56
CA GLY B 98 -11.92 -9.65 34.80
C GLY B 98 -11.11 -9.58 33.53
N GLU B 99 -10.21 -10.55 33.28
CA GLU B 99 -9.36 -10.50 32.09
C GLU B 99 -10.10 -10.37 30.76
N ASP B 100 -11.12 -11.20 30.49
CA ASP B 100 -11.82 -11.12 29.21
C ASP B 100 -12.66 -9.84 29.10
N CYS B 101 -13.29 -9.45 30.21
CA CYS B 101 -14.14 -8.27 30.21
C CYS B 101 -13.59 -7.31 31.25
N PRO B 102 -12.50 -6.61 30.92
CA PRO B 102 -11.86 -5.72 31.90
C PRO B 102 -12.59 -4.42 32.14
N VAL B 103 -12.19 -3.71 33.21
CA VAL B 103 -12.72 -2.41 33.50
C VAL B 103 -11.83 -1.45 32.74
N PHE B 104 -12.40 -0.61 31.87
CA PHE B 104 -11.61 0.38 31.15
C PHE B 104 -12.28 1.75 31.20
N ASP B 105 -11.51 2.83 30.93
CA ASP B 105 -12.04 4.19 30.93
C ASP B 105 -13.17 4.32 29.90
N GLY B 106 -14.34 4.78 30.34
CA GLY B 106 -15.47 4.96 29.46
C GLY B 106 -16.23 3.70 29.08
N LEU B 107 -16.02 2.62 29.81
CA LEU B 107 -16.70 1.33 29.57
C LEU B 107 -18.22 1.48 29.38
N PHE B 108 -18.89 2.20 30.28
CA PHE B 108 -20.33 2.37 30.19
C PHE B 108 -20.72 3.10 28.92
N GLU B 109 -20.01 4.20 28.58
CA GLU B 109 -20.30 4.95 27.35
C GLU B 109 -20.10 4.06 26.12
N PHE B 110 -19.06 3.20 26.12
CA PHE B 110 -18.83 2.27 25.01
C PHE B 110 -20.08 1.34 24.85
N CYS B 111 -20.58 0.82 25.98
CA CYS B 111 -21.78 -0.02 25.97
C CYS B 111 -22.98 0.74 25.45
N GLN B 112 -23.14 1.98 25.89
CA GLN B 112 -24.26 2.83 25.49
C GLN B 112 -24.28 3.08 23.98
N LEU B 113 -23.12 3.36 23.38
CA LEU B 113 -23.02 3.64 21.96
C LEU B 113 -23.18 2.38 21.14
N SER B 114 -22.56 1.26 21.58
CA SER B 114 -22.73 0.00 20.83
C SER B 114 -24.22 -0.42 20.83
N THR B 115 -24.86 -0.38 21.99
CA THR B 115 -26.28 -0.74 22.11
C THR B 115 -27.17 0.25 21.37
N GLY B 116 -26.86 1.53 21.51
CA GLY B 116 -27.60 2.62 20.87
C GLY B 116 -27.81 2.41 19.39
N GLY B 117 -26.75 2.05 18.67
CA GLY B 117 -26.87 1.81 17.23
C GLY B 117 -27.78 0.63 16.88
N SER B 118 -27.70 -0.45 17.67
CA SER B 118 -28.50 -1.64 17.38
C SER B 118 -29.99 -1.36 17.63
N VAL B 119 -30.31 -0.75 18.78
CA VAL B 119 -31.70 -0.44 19.12
CA VAL B 119 -31.72 -0.49 19.09
C VAL B 119 -32.28 0.62 18.17
N ALA B 120 -31.48 1.65 17.82
CA ALA B 120 -31.96 2.70 16.89
C ALA B 120 -32.25 2.08 15.51
N GLY B 121 -31.38 1.16 15.06
CA GLY B 121 -31.57 0.47 13.79
C GLY B 121 -32.84 -0.36 13.80
N ALA B 122 -33.11 -1.07 14.91
CA ALA B 122 -34.32 -1.88 15.07
C ALA B 122 -35.57 -0.96 15.00
N VAL B 123 -35.51 0.24 15.63
CA VAL B 123 -36.64 1.21 15.58
C VAL B 123 -36.89 1.65 14.12
N LYS B 124 -35.83 1.99 13.34
CA LYS B 124 -35.98 2.39 11.94
C LYS B 124 -36.61 1.29 11.11
N LEU B 125 -36.26 0.01 11.40
CA LEU B 125 -36.84 -1.10 10.68
C LEU B 125 -38.33 -1.23 11.05
N ASN B 126 -38.66 -1.11 12.34
CA ASN B 126 -40.04 -1.19 12.85
C ASN B 126 -40.93 -0.10 12.22
N ARG B 127 -40.39 1.10 12.11
CA ARG B 127 -41.14 2.23 11.51
C ARG B 127 -41.14 2.21 9.98
N GLN B 128 -40.57 1.17 9.35
CA GLN B 128 -40.47 1.01 7.91
C GLN B 128 -39.79 2.20 7.24
N GLN B 129 -38.82 2.81 7.93
CA GLN B 129 -38.05 3.94 7.40
C GLN B 129 -36.80 3.49 6.62
N THR B 130 -36.45 2.20 6.68
CA THR B 130 -35.32 1.61 5.96
C THR B 130 -35.58 0.11 5.78
N ASP B 131 -34.95 -0.47 4.80
CA ASP B 131 -35.01 -1.91 4.54
C ASP B 131 -33.82 -2.61 5.27
N MET B 132 -32.70 -1.88 5.48
CA MET B 132 -31.53 -2.43 6.15
C MET B 132 -30.92 -1.44 7.10
N ALA B 133 -30.53 -1.90 8.28
CA ALA B 133 -29.85 -1.05 9.26
C ALA B 133 -28.52 -1.75 9.59
N VAL B 134 -27.44 -0.98 9.72
CA VAL B 134 -26.11 -1.49 9.98
C VAL B 134 -25.49 -0.87 11.22
N ASN B 135 -24.93 -1.68 12.12
CA ASN B 135 -24.23 -1.15 13.29
C ASN B 135 -22.99 -2.04 13.54
N TRP B 136 -21.84 -1.65 12.95
CA TRP B 136 -20.63 -2.48 13.12
C TRP B 136 -20.11 -2.49 14.55
N ALA B 137 -20.52 -1.52 15.40
CA ALA B 137 -20.11 -1.52 16.79
C ALA B 137 -20.92 -2.51 17.65
N GLY B 138 -21.97 -3.10 17.10
CA GLY B 138 -22.81 -4.04 17.82
C GLY B 138 -22.41 -5.49 17.56
N GLY B 139 -23.33 -6.41 17.88
CA GLY B 139 -23.12 -7.84 17.72
C GLY B 139 -22.39 -8.49 18.88
N LEU B 140 -22.51 -7.92 20.09
CA LEU B 140 -21.81 -8.46 21.26
C LEU B 140 -22.62 -9.57 21.92
N HIS B 141 -22.69 -10.70 21.19
CA HIS B 141 -23.53 -11.84 21.46
C HIS B 141 -23.29 -12.65 22.75
N HIS B 142 -22.15 -12.48 23.47
CA HIS B 142 -21.96 -13.31 24.67
C HIS B 142 -22.55 -12.76 25.96
N ALA B 143 -22.83 -11.46 26.04
CA ALA B 143 -23.33 -10.88 27.29
C ALA B 143 -24.62 -11.54 27.79
N LYS B 144 -24.67 -11.81 29.09
CA LYS B 144 -25.81 -12.47 29.72
C LYS B 144 -26.66 -11.46 30.53
N LYS B 145 -27.85 -11.89 30.97
CA LYS B 145 -28.75 -11.03 31.76
C LYS B 145 -28.05 -10.31 32.92
N SER B 146 -27.23 -11.04 33.70
CA SER B 146 -26.55 -10.44 34.82
CA SER B 146 -26.54 -10.41 34.82
C SER B 146 -25.05 -10.73 34.84
N GLU B 147 -24.42 -10.86 33.65
CA GLU B 147 -22.99 -11.10 33.63
C GLU B 147 -22.35 -10.81 32.28
N ALA B 148 -21.14 -10.31 32.35
CA ALA B 148 -20.34 -10.02 31.15
C ALA B 148 -19.69 -11.35 30.74
N SER B 149 -19.31 -11.46 29.46
CA SER B 149 -18.65 -12.67 28.97
C SER B 149 -18.05 -12.40 27.61
N GLY B 150 -16.89 -13.02 27.36
CA GLY B 150 -16.22 -12.98 26.07
C GLY B 150 -16.16 -11.63 25.39
N PHE B 151 -15.64 -10.62 26.11
CA PHE B 151 -15.47 -9.24 25.63
C PHE B 151 -16.78 -8.44 25.48
N CYS B 152 -17.92 -9.03 25.84
CA CYS B 152 -19.26 -8.42 25.73
C CYS B 152 -19.79 -8.06 27.10
N TYR B 153 -20.37 -6.85 27.24
CA TYR B 153 -20.91 -6.43 28.53
C TYR B 153 -22.44 -6.29 28.46
N VAL B 154 -22.94 -5.63 27.42
CA VAL B 154 -24.37 -5.45 27.24
C VAL B 154 -24.74 -6.14 25.92
N ASN B 155 -25.75 -7.00 25.98
CA ASN B 155 -26.18 -7.71 24.79
C ASN B 155 -27.06 -6.82 23.92
N ASP B 156 -26.42 -6.02 23.05
CA ASP B 156 -27.15 -5.12 22.14
C ASP B 156 -28.07 -5.93 21.19
N ILE B 157 -27.68 -7.20 20.87
CA ILE B 157 -28.49 -8.02 19.97
C ILE B 157 -29.82 -8.37 20.60
N VAL B 158 -29.81 -8.85 21.87
CA VAL B 158 -31.06 -9.21 22.57
C VAL B 158 -31.98 -7.98 22.66
N LEU B 159 -31.39 -6.83 23.01
CA LEU B 159 -32.15 -5.58 23.11
C LEU B 159 -32.77 -5.19 21.77
N ALA B 160 -32.00 -5.31 20.67
CA ALA B 160 -32.51 -5.05 19.32
C ALA B 160 -33.64 -6.02 18.95
N ILE B 161 -33.49 -7.31 19.29
CA ILE B 161 -34.51 -8.31 18.99
C ILE B 161 -35.78 -8.01 19.78
N LEU B 162 -35.65 -7.64 21.05
CA LEU B 162 -36.83 -7.28 21.88
C LEU B 162 -37.58 -6.10 21.24
N GLU B 163 -36.83 -5.13 20.69
CA GLU B 163 -37.41 -3.98 20.01
CA GLU B 163 -37.41 -3.97 20.01
C GLU B 163 -38.14 -4.47 18.75
N LEU B 164 -37.51 -5.33 17.94
CA LEU B 164 -38.15 -5.87 16.74
C LEU B 164 -39.42 -6.67 17.11
N LEU B 165 -39.41 -7.37 18.26
CA LEU B 165 -40.56 -8.16 18.70
C LEU B 165 -41.82 -7.31 18.99
N LYS B 166 -41.67 -5.97 19.11
CA LYS B 166 -42.85 -5.11 19.31
C LYS B 166 -43.72 -5.09 18.05
N TYR B 167 -43.12 -5.25 16.86
CA TYR B 167 -43.81 -5.19 15.59
C TYR B 167 -43.83 -6.50 14.82
N HIS B 168 -42.90 -7.43 15.12
CA HIS B 168 -42.76 -8.68 14.38
C HIS B 168 -43.07 -9.90 15.20
N GLN B 169 -44.00 -10.75 14.74
CA GLN B 169 -44.36 -11.96 15.48
C GLN B 169 -43.17 -12.94 15.58
N ARG B 170 -42.44 -13.09 14.47
CA ARG B 170 -41.30 -14.01 14.40
C ARG B 170 -40.06 -13.29 13.85
N VAL B 171 -38.97 -13.38 14.60
CA VAL B 171 -37.69 -12.79 14.25
C VAL B 171 -36.64 -13.89 14.10
N LEU B 172 -35.88 -13.86 13.00
CA LEU B 172 -34.82 -14.82 12.78
C LEU B 172 -33.46 -14.16 13.11
N TYR B 173 -32.65 -14.84 13.92
CA TYR B 173 -31.31 -14.38 14.25
C TYR B 173 -30.30 -15.37 13.61
N ILE B 174 -29.33 -14.85 12.83
CA ILE B 174 -28.32 -15.69 12.18
C ILE B 174 -26.96 -15.16 12.64
N ASP B 175 -26.07 -16.06 13.09
CA ASP B 175 -24.79 -15.65 13.62
C ASP B 175 -23.64 -16.37 12.90
N ILE B 176 -22.80 -15.63 12.14
CA ILE B 176 -21.66 -16.21 11.41
C ILE B 176 -20.31 -15.90 12.06
N ASP B 177 -20.34 -15.43 13.33
CA ASP B 177 -19.12 -15.25 14.11
C ASP B 177 -18.53 -16.70 14.32
N ILE B 178 -17.20 -16.83 14.44
CA ILE B 178 -16.64 -18.19 14.65
C ILE B 178 -17.09 -18.76 16.02
N HIS B 179 -17.43 -17.89 16.99
CA HIS B 179 -17.86 -18.37 18.31
C HIS B 179 -19.38 -18.52 18.40
N HIS B 180 -19.85 -19.54 19.15
CA HIS B 180 -21.29 -19.75 19.32
C HIS B 180 -21.96 -18.49 19.95
N GLY B 181 -23.12 -18.07 19.44
CA GLY B 181 -23.84 -16.92 19.97
C GLY B 181 -24.70 -17.35 21.16
N ASP B 182 -24.02 -17.74 22.27
CA ASP B 182 -24.65 -18.25 23.47
C ASP B 182 -25.56 -17.30 24.20
N GLY B 183 -25.17 -16.02 24.31
CA GLY B 183 -25.99 -15.05 25.03
C GLY B 183 -27.35 -14.85 24.37
N VAL B 184 -27.35 -14.77 23.03
CA VAL B 184 -28.60 -14.60 22.29
C VAL B 184 -29.45 -15.89 22.35
N GLU B 185 -28.80 -17.06 22.15
CA GLU B 185 -29.50 -18.34 22.21
C GLU B 185 -30.17 -18.53 23.60
N GLU B 186 -29.43 -18.24 24.68
CA GLU B 186 -29.96 -18.40 26.04
C GLU B 186 -31.14 -17.48 26.30
N ALA B 187 -31.04 -16.21 25.86
CA ALA B 187 -32.14 -15.26 26.08
C ALA B 187 -33.47 -15.72 25.51
N PHE B 188 -33.47 -16.37 24.34
CA PHE B 188 -34.71 -16.80 23.69
C PHE B 188 -34.90 -18.33 23.61
N TYR B 189 -34.14 -19.09 24.41
CA TYR B 189 -34.17 -20.56 24.38
C TYR B 189 -35.55 -21.20 24.55
N THR B 190 -36.42 -20.57 25.34
CA THR B 190 -37.75 -21.16 25.59
C THR B 190 -38.90 -20.48 24.83
N THR B 191 -38.58 -19.65 23.82
CA THR B 191 -39.64 -19.02 23.02
C THR B 191 -39.54 -19.42 21.56
N ASP B 192 -40.71 -19.48 20.92
CA ASP B 192 -40.83 -19.75 19.49
C ASP B 192 -40.92 -18.43 18.71
N ARG B 193 -40.86 -17.26 19.38
CA ARG B 193 -40.92 -15.97 18.69
C ARG B 193 -39.57 -15.52 18.12
N VAL B 194 -38.50 -16.24 18.48
CA VAL B 194 -37.19 -15.97 17.94
C VAL B 194 -36.58 -17.32 17.56
N MET B 195 -36.07 -17.45 16.34
CA MET B 195 -35.32 -18.63 15.96
C MET B 195 -33.84 -18.18 15.92
N THR B 196 -32.95 -18.88 16.64
CA THR B 196 -31.53 -18.52 16.63
C THR B 196 -30.78 -19.59 15.82
N VAL B 197 -29.97 -19.16 14.85
CA VAL B 197 -29.22 -20.07 13.99
C VAL B 197 -27.75 -19.64 14.09
N SER B 198 -26.88 -20.52 14.63
CA SER B 198 -25.46 -20.21 14.78
C SER B 198 -24.58 -21.22 14.06
N PHE B 199 -23.59 -20.72 13.28
CA PHE B 199 -22.58 -21.55 12.58
C PHE B 199 -21.30 -21.19 13.33
N HIS B 200 -20.59 -22.18 13.90
CA HIS B 200 -19.40 -21.85 14.72
C HIS B 200 -18.48 -23.02 14.89
N LYS B 201 -17.25 -22.75 15.35
CA LYS B 201 -16.31 -23.81 15.63
CA LYS B 201 -16.31 -23.82 15.63
C LYS B 201 -16.79 -24.43 16.95
N TYR B 202 -16.79 -25.76 17.06
CA TYR B 202 -17.23 -26.42 18.29
C TYR B 202 -16.22 -27.53 18.62
N GLY B 203 -15.84 -27.60 19.90
CA GLY B 203 -14.89 -28.58 20.40
C GLY B 203 -13.64 -27.93 20.94
N GLU B 204 -13.46 -27.89 22.29
CA GLU B 204 -12.29 -27.26 22.94
C GLU B 204 -12.14 -25.82 22.46
N TYR B 205 -13.28 -25.10 22.45
CA TYR B 205 -13.29 -23.75 21.90
C TYR B 205 -14.33 -22.91 22.61
N PHE B 206 -14.00 -21.66 22.87
CA PHE B 206 -14.88 -20.75 23.57
C PHE B 206 -16.19 -20.52 22.82
N PRO B 207 -17.37 -20.42 23.48
CA PRO B 207 -17.61 -20.53 24.93
C PRO B 207 -17.88 -21.96 25.43
N GLY B 208 -17.78 -22.97 24.55
CA GLY B 208 -18.03 -24.36 24.94
C GLY B 208 -19.45 -24.87 24.72
N THR B 209 -20.35 -24.01 24.24
CA THR B 209 -21.76 -24.33 24.00
C THR B 209 -22.07 -24.40 22.49
N GLY B 210 -23.31 -24.72 22.13
CA GLY B 210 -23.68 -24.78 20.73
C GLY B 210 -23.51 -26.14 20.12
N ASP B 211 -23.81 -27.20 20.89
CA ASP B 211 -23.76 -28.55 20.38
C ASP B 211 -24.94 -28.71 19.39
N LEU B 212 -24.79 -29.62 18.41
CA LEU B 212 -25.84 -29.95 17.43
C LEU B 212 -27.18 -30.31 18.17
N ARG B 213 -27.07 -30.94 19.33
CA ARG B 213 -28.23 -31.37 20.13
C ARG B 213 -28.89 -30.28 20.98
N ASP B 214 -28.34 -29.04 20.96
CA ASP B 214 -28.95 -27.94 21.70
C ASP B 214 -29.97 -27.34 20.73
N ILE B 215 -31.21 -27.78 20.84
CA ILE B 215 -32.27 -27.36 19.92
C ILE B 215 -33.39 -26.51 20.53
N GLY B 216 -33.26 -26.11 21.78
CA GLY B 216 -34.28 -25.29 22.43
C GLY B 216 -35.04 -26.09 23.49
N ALA B 217 -35.85 -25.41 24.32
CA ALA B 217 -36.62 -26.11 25.37
C ALA B 217 -38.03 -25.53 25.51
N GLY B 218 -38.98 -26.35 25.99
CA GLY B 218 -40.37 -25.91 26.17
C GLY B 218 -40.98 -25.47 24.85
N LYS B 219 -41.60 -24.28 24.83
CA LYS B 219 -42.19 -23.75 23.59
C LYS B 219 -41.07 -23.44 22.53
N GLY B 220 -39.83 -23.28 22.98
CA GLY B 220 -38.71 -23.01 22.09
C GLY B 220 -38.10 -24.24 21.46
N LYS B 221 -38.62 -25.47 21.77
CA LYS B 221 -38.05 -26.69 21.18
C LYS B 221 -38.11 -26.64 19.64
N TYR B 222 -36.95 -26.83 19.00
CA TYR B 222 -36.73 -26.76 17.55
C TYR B 222 -36.50 -25.32 17.03
N TYR B 223 -36.51 -24.32 17.92
CA TYR B 223 -36.29 -22.92 17.53
C TYR B 223 -34.87 -22.43 17.80
N ALA B 224 -33.94 -23.34 18.11
CA ALA B 224 -32.51 -23.02 18.29
C ALA B 224 -31.79 -24.02 17.39
N VAL B 225 -30.97 -23.50 16.46
CA VAL B 225 -30.26 -24.31 15.46
C VAL B 225 -28.77 -24.05 15.61
N ASN B 226 -28.00 -25.11 15.76
CA ASN B 226 -26.56 -25.01 15.91
C ASN B 226 -25.84 -25.89 14.89
N PHE B 227 -24.93 -25.30 14.09
CA PHE B 227 -24.14 -26.05 13.13
C PHE B 227 -22.67 -26.03 13.63
N PRO B 228 -22.26 -27.11 14.33
CA PRO B 228 -20.88 -27.15 14.85
C PRO B 228 -19.89 -27.53 13.75
N MET B 229 -18.79 -26.79 13.69
N MET B 229 -18.79 -26.78 13.68
CA MET B 229 -17.76 -27.03 12.68
CA MET B 229 -17.76 -26.96 12.67
C MET B 229 -16.36 -27.21 13.27
C MET B 229 -16.36 -27.19 13.26
N ARG B 230 -15.46 -27.74 12.45
CA ARG B 230 -14.07 -27.96 12.81
C ARG B 230 -13.22 -26.89 12.07
N ASP B 231 -11.93 -26.85 12.38
CA ASP B 231 -10.99 -25.91 11.77
C ASP B 231 -10.96 -26.02 10.27
N GLY B 232 -10.61 -24.91 9.64
CA GLY B 232 -10.35 -24.90 8.22
C GLY B 232 -11.46 -24.88 7.22
N ILE B 233 -12.73 -24.58 7.64
N ILE B 233 -12.73 -24.60 7.64
CA ILE B 233 -13.83 -24.50 6.68
CA ILE B 233 -13.82 -24.51 6.67
C ILE B 233 -13.52 -23.42 5.64
C ILE B 233 -13.52 -23.42 5.64
N ASP B 234 -13.78 -23.70 4.35
CA ASP B 234 -13.48 -22.75 3.30
C ASP B 234 -14.76 -22.16 2.66
N ASP B 235 -14.63 -21.24 1.67
CA ASP B 235 -15.76 -20.59 1.03
C ASP B 235 -16.74 -21.57 0.40
N GLU B 236 -16.22 -22.52 -0.37
CA GLU B 236 -17.06 -23.49 -1.05
C GLU B 236 -17.87 -24.33 -0.03
N SER B 237 -17.20 -24.93 0.95
CA SER B 237 -17.87 -25.74 1.96
CA SER B 237 -17.90 -25.76 1.92
C SER B 237 -18.88 -24.97 2.79
N TYR B 238 -18.51 -23.76 3.23
CA TYR B 238 -19.42 -22.95 4.05
C TYR B 238 -20.67 -22.55 3.25
N GLY B 239 -20.47 -22.11 2.01
CA GLY B 239 -21.53 -21.65 1.13
C GLY B 239 -22.54 -22.73 0.81
N GLN B 240 -22.04 -23.97 0.65
CA GLN B 240 -22.84 -25.15 0.34
C GLN B 240 -23.75 -25.56 1.48
N ILE B 241 -23.45 -25.19 2.73
CA ILE B 241 -24.35 -25.48 3.84
C ILE B 241 -25.17 -24.26 4.27
N PHE B 242 -24.60 -23.05 4.15
CA PHE B 242 -25.32 -21.86 4.58
C PHE B 242 -26.60 -21.64 3.78
N LYS B 243 -26.51 -21.59 2.43
CA LYS B 243 -27.71 -21.33 1.63
C LYS B 243 -28.83 -22.36 1.84
N PRO B 244 -28.60 -23.70 1.77
CA PRO B 244 -29.71 -24.63 2.00
C PRO B 244 -30.30 -24.55 3.40
N ILE B 245 -29.45 -24.36 4.43
CA ILE B 245 -29.98 -24.28 5.81
C ILE B 245 -30.85 -23.03 5.99
N ILE B 246 -30.33 -21.85 5.59
CA ILE B 246 -31.09 -20.63 5.70
C ILE B 246 -32.38 -20.70 4.84
N SER B 247 -32.33 -21.27 3.63
CA SER B 247 -33.52 -21.40 2.77
C SER B 247 -34.60 -22.25 3.46
N LYS B 248 -34.22 -23.37 4.09
CA LYS B 248 -35.16 -24.25 4.79
C LYS B 248 -35.74 -23.53 6.00
N VAL B 249 -34.87 -22.81 6.74
CA VAL B 249 -35.30 -22.03 7.91
C VAL B 249 -36.34 -20.99 7.47
N MET B 250 -36.09 -20.25 6.38
CA MET B 250 -37.02 -19.23 5.89
C MET B 250 -38.36 -19.88 5.48
N GLU B 251 -38.30 -21.03 4.79
CA GLU B 251 -39.50 -21.73 4.36
C GLU B 251 -40.35 -22.22 5.54
N MET B 252 -39.74 -22.83 6.55
CA MET B 252 -40.45 -23.36 7.70
C MET B 252 -40.88 -22.33 8.72
N TYR B 253 -39.98 -21.40 9.04
CA TYR B 253 -40.22 -20.42 10.08
C TYR B 253 -40.93 -19.16 9.62
N GLN B 254 -40.77 -18.74 8.36
CA GLN B 254 -41.39 -17.53 7.80
C GLN B 254 -41.25 -16.30 8.71
N PRO B 255 -40.01 -15.91 9.03
CA PRO B 255 -39.83 -14.73 9.91
C PRO B 255 -40.20 -13.44 9.18
N SER B 256 -40.56 -12.38 9.92
CA SER B 256 -40.88 -11.10 9.26
C SER B 256 -39.73 -10.06 9.38
N ALA B 257 -38.67 -10.40 10.12
CA ALA B 257 -37.47 -9.56 10.29
C ALA B 257 -36.25 -10.48 10.56
N VAL B 258 -35.07 -9.99 10.20
CA VAL B 258 -33.86 -10.79 10.38
C VAL B 258 -32.77 -9.95 11.02
N VAL B 259 -32.03 -10.55 11.95
CA VAL B 259 -30.86 -9.92 12.56
C VAL B 259 -29.68 -10.83 12.16
N LEU B 260 -28.66 -10.27 11.52
CA LEU B 260 -27.49 -11.03 11.08
C LEU B 260 -26.24 -10.50 11.78
N GLN B 261 -25.61 -11.32 12.61
CA GLN B 261 -24.38 -10.94 13.31
C GLN B 261 -23.26 -11.38 12.38
N CYS B 262 -22.43 -10.44 11.95
CA CYS B 262 -21.36 -10.61 10.96
C CYS B 262 -19.94 -10.68 11.54
N GLY B 263 -19.72 -11.32 12.69
CA GLY B 263 -18.37 -11.44 13.28
C GLY B 263 -17.35 -11.87 12.24
N ALA B 264 -16.30 -11.06 12.06
CA ALA B 264 -15.27 -11.29 11.06
C ALA B 264 -14.16 -12.24 11.53
N ASP B 265 -14.29 -12.85 12.71
CA ASP B 265 -13.29 -13.80 13.17
C ASP B 265 -13.38 -15.18 12.50
N SER B 266 -14.37 -15.37 11.60
CA SER B 266 -14.50 -16.60 10.82
C SER B 266 -13.64 -16.49 9.51
N LEU B 267 -12.89 -15.37 9.33
CA LEU B 267 -12.04 -15.15 8.18
C LEU B 267 -10.72 -15.84 8.34
N SER B 268 -10.12 -16.26 7.21
CA SER B 268 -8.78 -16.83 7.17
C SER B 268 -7.79 -15.81 7.78
N GLY B 269 -6.86 -16.29 8.58
CA GLY B 269 -5.84 -15.46 9.20
C GLY B 269 -6.24 -14.69 10.44
N ASP B 270 -7.46 -14.95 10.96
CA ASP B 270 -7.88 -14.25 12.17
C ASP B 270 -7.00 -14.63 13.36
N ARG B 271 -6.60 -13.66 14.16
CA ARG B 271 -5.75 -13.88 15.33
C ARG B 271 -6.30 -14.93 16.32
N LEU B 272 -7.61 -15.00 16.52
N LEU B 272 -7.64 -14.97 16.53
CA LEU B 272 -8.18 -16.00 17.44
CA LEU B 272 -8.31 -15.87 17.48
C LEU B 272 -8.84 -17.17 16.71
C LEU B 272 -9.10 -17.02 16.82
N GLY B 273 -9.37 -16.90 15.53
CA GLY B 273 -10.10 -17.88 14.74
C GLY B 273 -9.27 -18.90 13.99
N CYS B 274 -9.92 -20.01 13.64
CA CYS B 274 -9.36 -21.17 12.98
C CYS B 274 -10.08 -21.55 11.68
N PHE B 275 -10.86 -20.63 11.08
CA PHE B 275 -11.55 -20.87 9.81
C PHE B 275 -10.72 -20.33 8.65
N ASN B 276 -11.12 -20.66 7.42
CA ASN B 276 -10.41 -20.29 6.19
C ASN B 276 -11.29 -19.60 5.14
N LEU B 277 -12.24 -18.73 5.60
CA LEU B 277 -13.10 -18.00 4.67
C LEU B 277 -12.41 -16.76 4.14
N THR B 278 -12.76 -16.35 2.89
CA THR B 278 -12.25 -15.07 2.37
C THR B 278 -13.37 -14.00 2.68
N VAL B 279 -13.13 -12.73 2.34
CA VAL B 279 -14.13 -11.69 2.47
C VAL B 279 -15.33 -12.00 1.55
N LYS B 280 -15.06 -12.54 0.33
CA LYS B 280 -16.16 -12.92 -0.57
C LYS B 280 -17.02 -14.06 0.01
N GLY B 281 -16.37 -15.06 0.62
CA GLY B 281 -17.08 -16.19 1.23
C GLY B 281 -17.92 -15.78 2.43
N HIS B 282 -17.41 -14.86 3.23
CA HIS B 282 -18.10 -14.35 4.39
C HIS B 282 -19.32 -13.49 3.91
N ALA B 283 -19.09 -12.55 2.97
CA ALA B 283 -20.12 -11.64 2.40
C ALA B 283 -21.19 -12.38 1.62
N LYS B 284 -20.90 -13.61 1.14
CA LYS B 284 -21.90 -14.43 0.44
C LYS B 284 -23.12 -14.66 1.38
N CYS B 285 -22.88 -14.73 2.71
CA CYS B 285 -23.93 -14.90 3.70
C CYS B 285 -24.89 -13.71 3.67
N VAL B 286 -24.34 -12.48 3.57
CA VAL B 286 -25.14 -11.26 3.48
C VAL B 286 -25.97 -11.32 2.20
N GLU B 287 -25.34 -11.68 1.07
CA GLU B 287 -26.02 -11.79 -0.21
CA GLU B 287 -26.02 -11.78 -0.20
C GLU B 287 -27.21 -12.75 -0.12
N VAL B 288 -26.99 -13.96 0.43
CA VAL B 288 -28.06 -14.96 0.57
C VAL B 288 -29.21 -14.44 1.43
N VAL B 289 -28.92 -13.84 2.59
CA VAL B 289 -29.96 -13.31 3.47
C VAL B 289 -30.77 -12.22 2.75
N LYS B 290 -30.11 -11.34 2.01
CA LYS B 290 -30.80 -10.27 1.26
C LYS B 290 -31.81 -10.75 0.23
N THR B 291 -31.59 -11.94 -0.36
CA THR B 291 -32.52 -12.48 -1.37
C THR B 291 -33.94 -12.69 -0.84
N PHE B 292 -34.10 -12.80 0.49
CA PHE B 292 -35.44 -13.01 1.08
C PHE B 292 -36.25 -11.71 1.26
N ASN B 293 -35.65 -10.54 0.93
CA ASN B 293 -36.28 -9.22 0.96
C ASN B 293 -37.04 -8.94 2.24
N LEU B 294 -36.40 -9.19 3.37
CA LEU B 294 -37.01 -8.94 4.67
C LEU B 294 -36.25 -7.82 5.38
N PRO B 295 -36.92 -7.09 6.30
CA PRO B 295 -36.20 -6.07 7.11
C PRO B 295 -34.98 -6.73 7.77
N LEU B 296 -33.81 -6.12 7.58
CA LEU B 296 -32.58 -6.72 8.06
C LEU B 296 -31.71 -5.80 8.88
N LEU B 297 -31.29 -6.26 10.07
CA LEU B 297 -30.37 -5.52 10.93
C LEU B 297 -29.02 -6.30 10.87
N MET B 298 -27.96 -5.65 10.40
CA MET B 298 -26.64 -6.27 10.26
C MET B 298 -25.73 -5.70 11.32
N LEU B 299 -25.12 -6.58 12.11
CA LEU B 299 -24.28 -6.15 13.21
C LEU B 299 -22.86 -6.68 13.09
N GLY B 300 -21.95 -6.11 13.86
CA GLY B 300 -20.57 -6.57 13.90
C GLY B 300 -20.43 -7.76 14.85
N GLY B 301 -19.31 -7.84 15.54
CA GLY B 301 -19.05 -8.91 16.48
C GLY B 301 -17.55 -9.09 16.59
N GLY B 302 -17.07 -10.32 16.58
CA GLY B 302 -15.65 -10.60 16.65
C GLY B 302 -14.87 -10.17 15.40
N GLY B 303 -13.57 -10.40 15.42
CA GLY B 303 -12.68 -10.01 14.32
C GLY B 303 -11.48 -9.39 14.99
N TYR B 304 -10.35 -10.09 14.92
CA TYR B 304 -9.15 -9.75 15.67
C TYR B 304 -7.87 -9.48 14.83
N THR B 305 -7.93 -9.61 13.48
CA THR B 305 -6.82 -9.19 12.58
C THR B 305 -7.51 -7.97 11.94
N ILE B 306 -7.32 -6.82 12.57
CA ILE B 306 -8.11 -5.64 12.28
C ILE B 306 -8.06 -5.14 10.82
N ARG B 307 -6.94 -5.30 10.06
CA ARG B 307 -6.99 -4.89 8.64
C ARG B 307 -8.05 -5.75 7.89
N ASN B 308 -8.20 -7.04 8.24
CA ASN B 308 -9.17 -7.92 7.59
C ASN B 308 -10.62 -7.62 8.03
N VAL B 309 -10.81 -7.17 9.26
CA VAL B 309 -12.13 -6.78 9.77
C VAL B 309 -12.62 -5.57 8.97
N ALA B 310 -11.74 -4.57 8.77
CA ALA B 310 -12.07 -3.37 8.01
C ALA B 310 -12.42 -3.76 6.56
N ARG B 311 -11.65 -4.68 5.95
CA ARG B 311 -11.98 -5.10 4.57
C ARG B 311 -13.35 -5.77 4.53
N CYS B 312 -13.57 -6.68 5.47
CA CYS B 312 -14.80 -7.47 5.51
C CYS B 312 -16.06 -6.61 5.65
N TRP B 313 -16.05 -5.73 6.64
CA TRP B 313 -17.22 -4.92 6.92
C TRP B 313 -17.42 -3.82 5.87
N THR B 314 -16.33 -3.35 5.23
CA THR B 314 -16.46 -2.38 4.15
C THR B 314 -17.14 -3.10 2.96
N TYR B 315 -16.66 -4.32 2.63
CA TYR B 315 -17.27 -5.07 1.52
C TYR B 315 -18.75 -5.42 1.81
N GLU B 316 -19.06 -5.79 3.05
CA GLU B 316 -20.43 -6.15 3.43
C GLU B 316 -21.36 -4.94 3.38
N THR B 317 -20.83 -3.73 3.67
CA THR B 317 -21.62 -2.52 3.57
C THR B 317 -21.93 -2.27 2.07
N ALA B 318 -20.91 -2.46 1.18
CA ALA B 318 -21.08 -2.33 -0.27
C ALA B 318 -22.13 -3.35 -0.75
N VAL B 319 -22.09 -4.59 -0.20
CA VAL B 319 -23.08 -5.61 -0.57
C VAL B 319 -24.50 -5.14 -0.19
N ALA B 320 -24.65 -4.60 1.04
CA ALA B 320 -25.94 -4.11 1.52
C ALA B 320 -26.48 -2.99 0.58
N LEU B 321 -25.59 -2.17 0.07
CA LEU B 321 -25.90 -1.05 -0.82
C LEU B 321 -26.08 -1.47 -2.28
N ASP B 322 -25.77 -2.74 -2.63
CA ASP B 322 -25.84 -3.24 -4.00
C ASP B 322 -24.86 -2.43 -4.89
N CYS B 323 -23.68 -2.11 -4.33
CA CYS B 323 -22.63 -1.33 -4.99
CA CYS B 323 -22.65 -1.36 -5.03
C CYS B 323 -21.39 -2.21 -5.14
N GLU B 324 -20.77 -2.22 -6.32
CA GLU B 324 -19.54 -2.99 -6.44
C GLU B 324 -18.40 -1.98 -6.21
N ILE B 325 -17.33 -2.46 -5.60
CA ILE B 325 -16.18 -1.61 -5.29
C ILE B 325 -14.93 -2.29 -5.79
N PRO B 326 -13.95 -1.50 -6.27
CA PRO B 326 -12.72 -2.12 -6.79
C PRO B 326 -11.86 -2.82 -5.74
N ASN B 327 -11.08 -3.80 -6.20
CA ASN B 327 -10.14 -4.50 -5.32
C ASN B 327 -9.01 -3.55 -4.87
N GLU B 328 -8.67 -2.54 -5.69
CA GLU B 328 -7.65 -1.57 -5.37
C GLU B 328 -8.15 -0.67 -4.20
N LEU B 329 -7.48 -0.73 -3.02
CA LEU B 329 -7.93 0.10 -1.91
C LEU B 329 -7.70 1.56 -2.22
N PRO B 330 -8.65 2.43 -1.87
CA PRO B 330 -8.42 3.86 -2.06
C PRO B 330 -7.46 4.31 -0.95
N TYR B 331 -6.80 5.47 -1.15
CA TYR B 331 -5.95 6.03 -0.09
C TYR B 331 -6.87 6.35 1.13
N ASN B 332 -6.40 6.12 2.34
CA ASN B 332 -7.20 6.36 3.56
C ASN B 332 -6.28 6.62 4.76
N ASP B 333 -6.87 7.02 5.91
CA ASP B 333 -6.15 7.35 7.13
C ASP B 333 -5.29 6.22 7.67
N TYR B 334 -5.59 4.96 7.31
CA TYR B 334 -4.85 3.81 7.80
C TYR B 334 -4.27 2.98 6.65
N PHE B 335 -3.92 3.65 5.54
CA PHE B 335 -3.46 2.96 4.34
C PHE B 335 -2.35 1.95 4.58
N GLU B 336 -1.37 2.32 5.43
CA GLU B 336 -0.21 1.48 5.75
C GLU B 336 -0.58 0.16 6.48
N TYR B 337 -1.78 0.10 7.10
CA TYR B 337 -2.19 -1.14 7.78
C TYR B 337 -2.52 -2.24 6.74
N PHE B 338 -2.79 -1.88 5.49
CA PHE B 338 -3.24 -2.84 4.48
C PHE B 338 -2.13 -3.42 3.59
N GLY B 339 -0.87 -3.20 3.97
CA GLY B 339 0.23 -3.79 3.21
C GLY B 339 0.29 -5.31 3.44
N PRO B 340 1.06 -6.04 2.61
CA PRO B 340 1.91 -5.57 1.50
C PRO B 340 1.20 -5.29 0.18
N ASP B 341 -0.03 -5.81 0.04
CA ASP B 341 -0.82 -5.77 -1.18
C ASP B 341 -1.72 -4.56 -1.41
N PHE B 342 -2.29 -3.98 -0.34
CA PHE B 342 -3.21 -2.84 -0.44
C PHE B 342 -4.45 -3.17 -1.28
N LYS B 343 -4.94 -4.41 -1.17
CA LYS B 343 -6.15 -4.90 -1.87
C LYS B 343 -7.26 -5.10 -0.84
N LEU B 344 -8.49 -5.08 -1.30
CA LEU B 344 -9.64 -5.29 -0.43
C LEU B 344 -9.82 -6.78 -0.11
N HIS B 345 -9.70 -7.64 -1.12
CA HIS B 345 -9.93 -9.06 -1.00
C HIS B 345 -8.73 -9.84 -0.53
N ILE B 346 -8.99 -10.94 0.21
CA ILE B 346 -7.93 -11.75 0.77
C ILE B 346 -7.95 -13.15 0.15
N SER B 347 -6.81 -13.83 0.20
CA SER B 347 -6.69 -15.16 -0.33
C SER B 347 -6.76 -16.17 0.81
N PRO B 348 -7.34 -17.36 0.58
CA PRO B 348 -7.36 -18.37 1.65
C PRO B 348 -5.95 -18.92 1.88
N SER B 349 -5.73 -19.54 3.03
CA SER B 349 -4.42 -20.14 3.34
C SER B 349 -4.44 -21.62 2.88
N ASN B 350 -3.31 -22.33 3.06
CA ASN B 350 -3.24 -23.74 2.72
C ASN B 350 -3.69 -24.63 3.91
N MET B 351 -4.37 -24.08 4.94
CA MET B 351 -4.79 -24.90 6.07
C MET B 351 -5.76 -26.00 5.63
N THR B 352 -5.63 -27.17 6.25
CA THR B 352 -6.49 -28.29 5.93
C THR B 352 -7.91 -28.01 6.40
N ASN B 353 -8.88 -28.33 5.57
CA ASN B 353 -10.27 -28.19 5.95
C ASN B 353 -10.64 -29.51 6.65
N GLN B 354 -10.78 -29.48 7.98
CA GLN B 354 -11.14 -30.68 8.74
C GLN B 354 -12.62 -31.10 8.62
N ASN B 355 -13.45 -30.25 8.02
CA ASN B 355 -14.85 -30.56 7.80
C ASN B 355 -14.96 -31.35 6.51
N THR B 356 -14.96 -32.67 6.60
CA THR B 356 -15.07 -33.51 5.40
C THR B 356 -16.45 -33.30 4.73
N PRO B 357 -16.56 -33.58 3.42
CA PRO B 357 -17.88 -33.46 2.77
C PRO B 357 -18.97 -34.31 3.44
N GLU B 358 -18.60 -35.51 3.93
CA GLU B 358 -19.55 -36.42 4.60
C GLU B 358 -19.95 -35.86 5.95
N TYR B 359 -18.99 -35.23 6.68
CA TYR B 359 -19.27 -34.59 7.97
C TYR B 359 -20.30 -33.47 7.73
N MET B 360 -20.07 -32.61 6.72
CA MET B 360 -20.98 -31.49 6.44
C MET B 360 -22.36 -31.96 6.02
N GLU B 361 -22.44 -33.00 5.16
CA GLU B 361 -23.76 -33.51 4.74
C GLU B 361 -24.52 -34.20 5.88
N LYS B 362 -23.81 -34.93 6.73
CA LYS B 362 -24.44 -35.62 7.86
C LYS B 362 -25.05 -34.62 8.87
N ILE B 363 -24.31 -33.55 9.21
CA ILE B 363 -24.81 -32.53 10.12
C ILE B 363 -26.00 -31.81 9.47
N LYS B 364 -25.88 -31.47 8.18
CA LYS B 364 -26.97 -30.81 7.43
C LYS B 364 -28.25 -31.65 7.47
N GLN B 365 -28.12 -32.98 7.30
CA GLN B 365 -29.27 -33.88 7.35
C GLN B 365 -29.91 -33.91 8.72
N ARG B 366 -29.11 -33.97 9.81
CA ARG B 366 -29.66 -33.96 11.17
C ARG B 366 -30.41 -32.63 11.43
N LEU B 367 -29.86 -31.49 10.94
CA LEU B 367 -30.53 -30.21 11.09
C LEU B 367 -31.83 -30.14 10.28
N PHE B 368 -31.81 -30.70 9.07
CA PHE B 368 -33.01 -30.73 8.23
C PHE B 368 -34.13 -31.55 8.93
N GLU B 369 -33.75 -32.62 9.66
CA GLU B 369 -34.70 -33.45 10.42
C GLU B 369 -35.35 -32.62 11.53
N ASN B 370 -34.57 -31.78 12.21
CA ASN B 370 -35.07 -30.92 13.26
C ASN B 370 -35.96 -29.84 12.67
N LEU B 371 -35.59 -29.29 11.51
CA LEU B 371 -36.37 -28.23 10.86
C LEU B 371 -37.72 -28.73 10.39
N ARG B 372 -37.82 -30.01 10.01
CA ARG B 372 -39.09 -30.59 9.59
C ARG B 372 -40.07 -30.79 10.77
N MET B 373 -39.57 -30.73 12.02
CA MET B 373 -40.41 -30.84 13.22
C MET B 373 -41.14 -29.53 13.58
N LEU B 374 -40.91 -28.43 12.82
CA LEU B 374 -41.56 -27.14 13.05
C LEU B 374 -43.01 -27.18 12.53
N PRO B 375 -43.96 -26.46 13.18
CA PRO B 375 -45.34 -26.49 12.69
C PRO B 375 -45.55 -25.60 11.46
N LYS C 10 10.74 -37.85 -12.83
CA LYS C 10 10.03 -36.61 -12.53
C LYS C 10 8.91 -36.34 -13.54
N LYS C 11 7.74 -35.95 -13.03
CA LYS C 11 6.57 -35.68 -13.85
C LYS C 11 6.59 -34.24 -14.42
N VAL C 12 6.23 -34.11 -15.70
CA VAL C 12 6.19 -32.81 -16.36
C VAL C 12 4.81 -32.51 -16.93
N CYS C 13 4.21 -31.37 -16.54
CA CYS C 13 2.91 -30.90 -17.04
C CYS C 13 3.18 -29.73 -17.99
N TYR C 14 2.47 -29.68 -19.11
CA TYR C 14 2.71 -28.69 -20.15
C TYR C 14 1.42 -27.96 -20.49
N TYR C 15 1.47 -26.62 -20.54
CA TYR C 15 0.29 -25.79 -20.81
C TYR C 15 0.36 -25.13 -22.18
N TYR C 16 -0.69 -25.34 -22.99
CA TYR C 16 -0.72 -24.81 -24.34
C TYR C 16 -2.14 -24.71 -24.84
N ASP C 17 -2.46 -23.58 -25.49
CA ASP C 17 -3.75 -23.36 -26.11
C ASP C 17 -3.46 -23.17 -27.59
N GLY C 18 -4.14 -23.93 -28.43
CA GLY C 18 -3.98 -23.90 -29.88
C GLY C 18 -4.21 -22.58 -30.58
N ASP C 19 -4.88 -21.62 -29.93
CA ASP C 19 -5.10 -20.30 -30.56
C ASP C 19 -3.98 -19.29 -30.23
N ILE C 20 -3.08 -19.61 -29.27
CA ILE C 20 -2.01 -18.68 -28.87
C ILE C 20 -1.19 -18.17 -30.05
N GLY C 21 -0.88 -19.04 -31.02
CA GLY C 21 -0.09 -18.67 -32.18
C GLY C 21 -0.77 -17.73 -33.16
N ASN C 22 -2.10 -17.55 -33.02
CA ASN C 22 -2.84 -16.66 -33.91
C ASN C 22 -2.84 -15.18 -33.50
N TYR C 23 -2.41 -14.86 -32.26
CA TYR C 23 -2.38 -13.45 -31.82
C TYR C 23 -1.26 -12.72 -32.55
N TYR C 24 -1.55 -11.51 -33.03
CA TYR C 24 -0.60 -10.75 -33.82
C TYR C 24 -0.36 -9.37 -33.31
N TYR C 25 0.88 -9.08 -32.88
CA TYR C 25 1.21 -7.76 -32.34
C TYR C 25 1.13 -6.64 -33.38
N GLY C 26 1.19 -6.98 -34.68
CA GLY C 26 1.16 -5.98 -35.73
C GLY C 26 2.39 -6.01 -36.61
N GLN C 27 2.29 -5.43 -37.83
CA GLN C 27 3.39 -5.38 -38.78
C GLN C 27 4.65 -4.71 -38.22
N GLY C 28 5.78 -5.38 -38.39
CA GLY C 28 7.06 -4.86 -37.91
C GLY C 28 7.36 -5.06 -36.44
N HIS C 29 6.37 -5.52 -35.64
CA HIS C 29 6.61 -5.73 -34.20
C HIS C 29 7.38 -7.03 -33.99
N PRO C 30 8.50 -7.00 -33.25
CA PRO C 30 9.31 -8.22 -33.08
C PRO C 30 8.67 -9.34 -32.26
N MET C 31 7.69 -9.02 -31.38
CA MET C 31 7.06 -10.08 -30.58
C MET C 31 6.11 -10.89 -31.44
N LYS C 32 6.42 -12.18 -31.61
CA LYS C 32 5.64 -13.08 -32.47
C LYS C 32 5.10 -14.30 -31.76
N PRO C 33 3.84 -14.25 -31.29
CA PRO C 33 3.26 -15.43 -30.62
C PRO C 33 3.27 -16.73 -31.44
N HIS C 34 3.45 -16.64 -32.77
CA HIS C 34 3.56 -17.82 -33.63
C HIS C 34 4.73 -18.72 -33.18
N ARG C 35 5.80 -18.14 -32.56
CA ARG C 35 6.95 -18.90 -32.07
C ARG C 35 6.53 -20.01 -31.06
N ILE C 36 5.41 -19.81 -30.35
N ILE C 36 5.41 -19.80 -30.34
CA ILE C 36 4.91 -20.78 -29.38
CA ILE C 36 4.94 -20.80 -29.38
C ILE C 36 4.33 -22.00 -30.11
C ILE C 36 4.32 -22.00 -30.11
N ARG C 37 3.62 -21.74 -31.23
CA ARG C 37 3.03 -22.79 -32.03
C ARG C 37 4.18 -23.58 -32.71
N MET C 38 5.21 -22.88 -33.22
CA MET C 38 6.39 -23.54 -33.84
C MET C 38 7.07 -24.45 -32.83
N THR C 39 7.21 -23.97 -31.58
CA THR C 39 7.84 -24.77 -30.52
C THR C 39 7.00 -26.03 -30.27
N HIS C 40 5.67 -25.86 -30.12
CA HIS C 40 4.75 -26.95 -29.84
C HIS C 40 4.80 -28.03 -30.94
N ASN C 41 4.77 -27.62 -32.20
CA ASN C 41 4.80 -28.57 -33.31
C ASN C 41 6.13 -29.33 -33.35
N LEU C 42 7.23 -28.63 -33.10
CA LEU C 42 8.54 -29.28 -33.09
C LEU C 42 8.64 -30.32 -31.96
N LEU C 43 8.23 -29.97 -30.72
CA LEU C 43 8.29 -30.92 -29.60
C LEU C 43 7.29 -32.08 -29.78
N LEU C 44 6.17 -31.84 -30.50
CA LEU C 44 5.18 -32.88 -30.75
C LEU C 44 5.79 -33.91 -31.72
N ASN C 45 6.49 -33.43 -32.76
CA ASN C 45 7.13 -34.29 -33.77
C ASN C 45 8.36 -35.03 -33.27
N TYR C 46 8.96 -34.57 -32.16
CA TYR C 46 10.10 -35.24 -31.53
C TYR C 46 9.63 -36.39 -30.59
N GLY C 47 8.33 -36.50 -30.35
CA GLY C 47 7.74 -37.51 -29.49
C GLY C 47 7.68 -37.11 -28.02
N LEU C 48 8.02 -35.83 -27.71
CA LEU C 48 8.04 -35.30 -26.35
C LEU C 48 6.65 -35.00 -25.79
N TYR C 49 5.71 -34.57 -26.65
CA TYR C 49 4.34 -34.23 -26.28
C TYR C 49 3.67 -35.43 -25.60
N ARG C 50 3.91 -36.63 -26.15
CA ARG C 50 3.39 -37.90 -25.65
C ARG C 50 3.80 -38.17 -24.19
N LYS C 51 5.07 -37.91 -23.86
CA LYS C 51 5.63 -38.15 -22.53
C LYS C 51 5.21 -37.14 -21.44
N MET C 52 4.45 -36.11 -21.82
CA MET C 52 4.00 -35.09 -20.88
C MET C 52 2.50 -35.09 -20.71
N GLU C 53 2.01 -34.57 -19.58
CA GLU C 53 0.58 -34.41 -19.37
C GLU C 53 0.30 -33.04 -19.98
N ILE C 54 -0.48 -33.01 -21.05
CA ILE C 54 -0.80 -31.76 -21.75
C ILE C 54 -2.12 -31.18 -21.25
N TYR C 55 -2.15 -29.86 -21.03
CA TYR C 55 -3.35 -29.19 -20.55
C TYR C 55 -3.59 -27.91 -21.31
N ARG C 56 -4.86 -27.65 -21.64
CA ARG C 56 -5.25 -26.42 -22.30
C ARG C 56 -5.58 -25.49 -21.13
N PRO C 57 -4.85 -24.39 -20.96
CA PRO C 57 -5.10 -23.52 -19.81
C PRO C 57 -6.42 -22.78 -19.85
N HIS C 58 -7.07 -22.69 -18.71
CA HIS C 58 -8.30 -21.93 -18.60
C HIS C 58 -7.87 -20.46 -18.59
N LYS C 59 -8.64 -19.60 -19.25
CA LYS C 59 -8.36 -18.18 -19.29
C LYS C 59 -8.40 -17.57 -17.89
N ALA C 60 -7.34 -16.83 -17.50
CA ALA C 60 -7.33 -16.17 -16.19
C ALA C 60 -8.42 -15.08 -16.20
N THR C 61 -9.19 -14.93 -15.12
CA THR C 61 -10.24 -13.90 -15.09
C THR C 61 -9.64 -12.54 -14.77
N ALA C 62 -10.38 -11.44 -15.12
CA ALA C 62 -9.98 -10.07 -14.79
C ALA C 62 -9.80 -9.96 -13.25
N GLU C 63 -10.66 -10.64 -12.47
CA GLU C 63 -10.61 -10.66 -11.01
C GLU C 63 -9.31 -11.29 -10.51
N GLU C 64 -8.89 -12.41 -11.09
CA GLU C 64 -7.62 -13.06 -10.73
C GLU C 64 -6.46 -12.09 -11.04
N MET C 65 -6.54 -11.37 -12.17
CA MET C 65 -5.50 -10.41 -12.52
C MET C 65 -5.41 -9.26 -11.54
N THR C 66 -6.55 -8.84 -10.94
CA THR C 66 -6.51 -7.73 -9.98
C THR C 66 -5.98 -8.12 -8.60
N LYS C 67 -5.53 -9.38 -8.41
CA LYS C 67 -4.82 -9.73 -7.16
C LYS C 67 -3.49 -8.92 -7.13
N TYR C 68 -2.97 -8.50 -8.33
CA TYR C 68 -1.75 -7.73 -8.44
C TYR C 68 -1.98 -6.42 -9.18
N HIS C 69 -2.57 -6.48 -10.38
CA HIS C 69 -2.77 -5.27 -11.18
C HIS C 69 -3.92 -4.42 -10.68
N SER C 70 -3.88 -3.11 -10.98
CA SER C 70 -4.96 -2.23 -10.53
C SER C 70 -6.25 -2.50 -11.32
N ASP C 71 -7.41 -2.19 -10.70
CA ASP C 71 -8.69 -2.41 -11.40
C ASP C 71 -8.79 -1.56 -12.65
N GLU C 72 -8.39 -0.27 -12.58
CA GLU C 72 -8.50 0.62 -13.74
C GLU C 72 -7.65 0.12 -14.90
N TYR C 73 -6.45 -0.41 -14.58
CA TYR C 73 -5.57 -0.93 -15.64
C TYR C 73 -6.17 -2.15 -16.32
N ILE C 74 -6.67 -3.13 -15.55
CA ILE C 74 -7.28 -4.32 -16.11
C ILE C 74 -8.54 -3.99 -16.89
N LYS C 75 -9.38 -3.06 -16.38
CA LYS C 75 -10.60 -2.65 -17.08
C LYS C 75 -10.25 -2.04 -18.44
N PHE C 76 -9.18 -1.24 -18.48
CA PHE C 76 -8.67 -0.62 -19.71
C PHE C 76 -8.29 -1.75 -20.70
N LEU C 77 -7.52 -2.76 -20.24
CA LEU C 77 -7.09 -3.86 -21.10
C LEU C 77 -8.28 -4.64 -21.65
N ARG C 78 -9.36 -4.79 -20.85
CA ARG C 78 -10.57 -5.49 -21.30
C ARG C 78 -11.39 -4.67 -22.31
N SER C 79 -11.26 -3.36 -22.27
CA SER C 79 -12.04 -2.45 -23.08
C SER C 79 -11.42 -1.96 -24.37
N ILE C 80 -10.10 -1.74 -24.39
CA ILE C 80 -9.43 -1.19 -25.56
C ILE C 80 -9.47 -2.12 -26.78
N ARG C 81 -9.70 -1.54 -27.94
CA ARG C 81 -9.81 -2.25 -29.23
C ARG C 81 -9.14 -1.38 -30.28
N PRO C 82 -8.62 -1.97 -31.37
CA PRO C 82 -8.03 -1.13 -32.43
C PRO C 82 -9.01 -0.09 -33.00
N ASP C 83 -10.32 -0.38 -33.02
CA ASP C 83 -11.31 0.58 -33.56
C ASP C 83 -11.88 1.59 -32.57
N ASN C 84 -11.40 1.60 -31.31
CA ASN C 84 -11.93 2.58 -30.33
C ASN C 84 -10.82 3.36 -29.61
N MET C 85 -9.54 3.24 -30.05
CA MET C 85 -8.38 3.91 -29.47
C MET C 85 -8.51 5.42 -29.29
N SER C 86 -9.23 6.12 -30.17
CA SER C 86 -9.39 7.58 -30.06
C SER C 86 -10.15 7.99 -28.78
N GLU C 87 -11.02 7.12 -28.27
CA GLU C 87 -11.75 7.41 -27.03
C GLU C 87 -10.88 7.18 -25.78
N TYR C 88 -9.74 6.46 -25.90
CA TYR C 88 -8.87 6.15 -24.78
C TYR C 88 -7.46 6.76 -24.88
N SER C 89 -7.30 7.92 -25.54
CA SER C 89 -5.97 8.54 -25.68
C SER C 89 -5.30 8.86 -24.32
N LYS C 90 -6.11 9.31 -23.35
CA LYS C 90 -5.58 9.62 -22.02
C LYS C 90 -5.15 8.37 -21.26
N GLN C 91 -5.98 7.31 -21.30
CA GLN C 91 -5.64 6.07 -20.61
C GLN C 91 -4.46 5.35 -21.28
N MET C 92 -4.28 5.52 -22.61
CA MET C 92 -3.14 4.90 -23.30
C MET C 92 -1.82 5.50 -22.75
N GLN C 93 -1.81 6.80 -22.52
CA GLN C 93 -0.63 7.48 -21.98
C GLN C 93 -0.44 7.03 -20.51
N ARG C 94 -1.53 6.99 -19.73
CA ARG C 94 -1.47 6.58 -18.33
C ARG C 94 -0.93 5.16 -18.16
N PHE C 95 -1.35 4.23 -19.02
CA PHE C 95 -0.96 2.82 -18.90
C PHE C 95 0.16 2.37 -19.85
N ASN C 96 0.81 3.31 -20.56
CA ASN C 96 1.90 3.02 -21.50
C ASN C 96 1.53 2.01 -22.58
N VAL C 97 0.35 2.18 -23.16
CA VAL C 97 -0.09 1.32 -24.23
C VAL C 97 0.10 2.17 -25.49
N GLY C 98 0.91 1.68 -26.42
CA GLY C 98 1.24 2.43 -27.62
C GLY C 98 2.10 1.68 -28.61
N GLU C 99 3.40 2.04 -28.76
CA GLU C 99 4.23 1.35 -29.75
C GLU C 99 4.86 0.05 -29.25
N ASP C 100 5.51 0.05 -28.07
CA ASP C 100 6.11 -1.19 -27.55
C ASP C 100 5.00 -2.17 -27.20
N CYS C 101 3.91 -1.67 -26.60
CA CYS C 101 2.80 -2.52 -26.22
C CYS C 101 1.58 -2.03 -26.96
N PRO C 102 1.43 -2.48 -28.23
CA PRO C 102 0.30 -2.00 -29.03
C PRO C 102 -1.05 -2.62 -28.74
N VAL C 103 -2.09 -1.95 -29.26
CA VAL C 103 -3.44 -2.45 -29.15
C VAL C 103 -3.64 -3.37 -30.35
N PHE C 104 -3.93 -4.64 -30.12
CA PHE C 104 -4.17 -5.59 -31.20
C PHE C 104 -5.41 -6.43 -30.92
N ASP C 105 -5.99 -7.05 -31.96
CA ASP C 105 -7.17 -7.88 -31.82
C ASP C 105 -6.95 -9.06 -30.87
N GLY C 106 -7.84 -9.19 -29.90
CA GLY C 106 -7.78 -10.26 -28.92
C GLY C 106 -6.73 -10.06 -27.85
N LEU C 107 -6.21 -8.82 -27.68
CA LEU C 107 -5.19 -8.50 -26.66
C LEU C 107 -5.54 -9.05 -25.28
N PHE C 108 -6.78 -8.80 -24.80
CA PHE C 108 -7.18 -9.28 -23.49
C PHE C 108 -7.16 -10.80 -23.41
N GLU C 109 -7.66 -11.48 -24.45
CA GLU C 109 -7.67 -12.94 -24.51
C GLU C 109 -6.24 -13.50 -24.48
N PHE C 110 -5.30 -12.83 -25.18
CA PHE C 110 -3.89 -13.23 -25.16
C PHE C 110 -3.34 -13.17 -23.73
N CYS C 111 -3.60 -12.09 -23.00
CA CYS C 111 -3.18 -11.95 -21.59
C CYS C 111 -3.79 -13.05 -20.72
N GLN C 112 -5.07 -13.37 -20.97
CA GLN C 112 -5.76 -14.39 -20.20
C GLN C 112 -5.17 -15.78 -20.41
N LEU C 113 -4.76 -16.11 -21.63
CA LEU C 113 -4.21 -17.43 -21.90
C LEU C 113 -2.78 -17.54 -21.38
N SER C 114 -1.98 -16.48 -21.59
CA SER C 114 -0.59 -16.40 -21.10
C SER C 114 -0.57 -16.59 -19.57
N THR C 115 -1.39 -15.82 -18.84
CA THR C 115 -1.48 -15.84 -17.37
C THR C 115 -2.09 -17.14 -16.87
N GLY C 116 -3.15 -17.59 -17.54
CA GLY C 116 -3.85 -18.84 -17.19
C GLY C 116 -2.92 -20.03 -17.09
N GLY C 117 -2.02 -20.15 -18.05
CA GLY C 117 -1.04 -21.23 -18.06
C GLY C 117 -0.09 -21.18 -16.87
N SER C 118 0.44 -19.97 -16.55
CA SER C 118 1.37 -19.80 -15.43
C SER C 118 0.69 -20.09 -14.08
N VAL C 119 -0.51 -19.51 -13.85
CA VAL C 119 -1.23 -19.73 -12.61
C VAL C 119 -1.64 -21.21 -12.45
N ALA C 120 -2.12 -21.84 -13.54
CA ALA C 120 -2.51 -23.24 -13.49
C ALA C 120 -1.31 -24.12 -13.15
N GLY C 121 -0.12 -23.78 -13.67
CA GLY C 121 1.10 -24.53 -13.37
C GLY C 121 1.45 -24.44 -11.90
N ALA C 122 1.35 -23.21 -11.33
CA ALA C 122 1.62 -22.97 -9.91
C ALA C 122 0.64 -23.77 -9.04
N VAL C 123 -0.65 -23.82 -9.42
CA VAL C 123 -1.66 -24.57 -8.67
C VAL C 123 -1.30 -26.06 -8.68
N LYS C 124 -0.91 -26.57 -9.86
CA LYS C 124 -0.52 -27.97 -10.04
C LYS C 124 0.66 -28.32 -9.12
N LEU C 125 1.65 -27.42 -9.05
CA LEU C 125 2.84 -27.58 -8.20
C LEU C 125 2.45 -27.53 -6.71
N ASN C 126 1.56 -26.59 -6.30
CA ASN C 126 1.11 -26.48 -4.91
C ASN C 126 0.41 -27.76 -4.46
N ARG C 127 -0.42 -28.34 -5.34
CA ARG C 127 -1.15 -29.58 -5.03
C ARG C 127 -0.28 -30.84 -5.06
N GLN C 128 1.03 -30.70 -5.34
CA GLN C 128 1.99 -31.80 -5.43
C GLN C 128 1.57 -32.86 -6.46
N GLN C 129 0.93 -32.41 -7.54
CA GLN C 129 0.48 -33.27 -8.62
C GLN C 129 1.48 -33.29 -9.80
N THR C 130 2.62 -32.58 -9.68
CA THR C 130 3.67 -32.51 -10.69
C THR C 130 4.98 -32.02 -10.07
N ASP C 131 6.09 -32.34 -10.71
CA ASP C 131 7.41 -31.90 -10.28
C ASP C 131 7.80 -30.62 -11.07
N MET C 132 7.42 -30.58 -12.35
CA MET C 132 7.66 -29.48 -13.27
C MET C 132 6.38 -29.10 -14.01
N ALA C 133 6.20 -27.80 -14.25
CA ALA C 133 5.07 -27.26 -14.99
C ALA C 133 5.69 -26.31 -16.02
N VAL C 134 5.30 -26.43 -17.29
CA VAL C 134 5.87 -25.62 -18.37
C VAL C 134 4.81 -24.78 -19.04
N ASN C 135 5.11 -23.48 -19.25
CA ASN C 135 4.20 -22.56 -19.94
C ASN C 135 5.03 -21.61 -20.82
N TRP C 136 5.30 -22.03 -22.08
CA TRP C 136 6.10 -21.20 -22.97
C TRP C 136 5.41 -19.88 -23.37
N ALA C 137 4.09 -19.76 -23.17
CA ALA C 137 3.38 -18.52 -23.48
C ALA C 137 3.52 -17.45 -22.34
N GLY C 138 4.06 -17.85 -21.20
CA GLY C 138 4.25 -16.95 -20.08
C GLY C 138 5.64 -16.36 -20.02
N GLY C 139 6.00 -15.78 -18.88
CA GLY C 139 7.31 -15.17 -18.71
C GLY C 139 7.36 -13.70 -19.12
N LEU C 140 6.20 -13.02 -19.10
CA LEU C 140 6.12 -11.61 -19.51
C LEU C 140 6.46 -10.68 -18.33
N HIS C 141 7.75 -10.73 -17.99
CA HIS C 141 8.36 -10.13 -16.82
C HIS C 141 8.38 -8.59 -16.70
N HIS C 142 8.03 -7.81 -17.75
CA HIS C 142 8.09 -6.34 -17.60
C HIS C 142 6.81 -5.67 -17.12
N ALA C 143 5.66 -6.37 -17.21
CA ALA C 143 4.38 -5.77 -16.81
C ALA C 143 4.38 -5.28 -15.37
N LYS C 144 3.88 -4.06 -15.17
CA LYS C 144 3.82 -3.41 -13.86
C LYS C 144 2.37 -3.38 -13.35
N LYS C 145 2.17 -3.00 -12.08
CA LYS C 145 0.84 -2.96 -11.45
C LYS C 145 -0.19 -2.21 -12.29
N SER C 146 0.19 -1.03 -12.77
CA SER C 146 -0.70 -0.20 -13.55
C SER C 146 -0.03 0.34 -14.80
N GLU C 147 0.77 -0.51 -15.49
CA GLU C 147 1.45 -0.07 -16.69
C GLU C 147 1.93 -1.25 -17.53
N ALA C 148 1.70 -1.19 -18.84
CA ALA C 148 2.22 -2.18 -19.77
C ALA C 148 3.69 -1.76 -20.02
N SER C 149 4.56 -2.71 -20.37
CA SER C 149 5.96 -2.39 -20.62
C SER C 149 6.64 -3.50 -21.38
N GLY C 150 7.52 -3.13 -22.30
CA GLY C 150 8.31 -4.07 -23.08
C GLY C 150 7.62 -5.32 -23.60
N PHE C 151 6.51 -5.09 -24.34
CA PHE C 151 5.69 -6.14 -24.98
C PHE C 151 4.85 -6.96 -23.99
N CYS C 152 4.88 -6.62 -22.70
CA CYS C 152 4.18 -7.31 -21.60
C CYS C 152 3.05 -6.44 -21.07
N TYR C 153 1.88 -7.05 -20.88
CA TYR C 153 0.72 -6.30 -20.40
C TYR C 153 0.29 -6.80 -19.02
N VAL C 154 0.26 -8.12 -18.81
CA VAL C 154 -0.14 -8.68 -17.53
C VAL C 154 1.02 -9.56 -17.04
N ASN C 155 1.43 -9.35 -15.79
CA ASN C 155 2.55 -10.07 -15.24
C ASN C 155 2.16 -11.43 -14.74
N ASP C 156 2.17 -12.40 -15.67
CA ASP C 156 1.81 -13.77 -15.34
C ASP C 156 2.76 -14.37 -14.28
N ILE C 157 4.04 -13.93 -14.28
CA ILE C 157 5.03 -14.45 -13.34
C ILE C 157 4.66 -14.05 -11.93
N VAL C 158 4.36 -12.76 -11.71
CA VAL C 158 3.97 -12.28 -10.39
C VAL C 158 2.70 -12.99 -9.90
N LEU C 159 1.71 -13.13 -10.77
CA LEU C 159 0.47 -13.83 -10.41
C LEU C 159 0.75 -15.32 -10.06
N ALA C 160 1.65 -15.98 -10.79
CA ALA C 160 1.99 -17.38 -10.49
C ALA C 160 2.77 -17.47 -9.16
N ILE C 161 3.64 -16.48 -8.89
CA ILE C 161 4.40 -16.48 -7.63
C ILE C 161 3.49 -16.24 -6.45
N LEU C 162 2.50 -15.32 -6.58
CA LEU C 162 1.53 -15.08 -5.49
C LEU C 162 0.75 -16.39 -5.20
N GLU C 163 0.43 -17.17 -6.26
CA GLU C 163 -0.23 -18.45 -6.06
C GLU C 163 0.70 -19.43 -5.31
N LEU C 164 1.98 -19.52 -5.73
CA LEU C 164 2.95 -20.39 -5.06
C LEU C 164 3.14 -20.04 -3.58
N LEU C 165 3.05 -18.74 -3.26
CA LEU C 165 3.21 -18.27 -1.88
C LEU C 165 2.14 -18.75 -0.90
N LYS C 166 1.05 -19.34 -1.40
CA LYS C 166 0.02 -19.91 -0.52
C LYS C 166 0.54 -21.18 0.15
N TYR C 167 1.40 -21.96 -0.55
CA TYR C 167 1.93 -23.23 -0.06
C TYR C 167 3.44 -23.23 0.21
N HIS C 168 4.15 -22.17 -0.17
CA HIS C 168 5.59 -22.10 -0.01
C HIS C 168 6.04 -20.84 0.70
N GLN C 169 6.80 -20.96 1.79
CA GLN C 169 7.30 -19.82 2.55
C GLN C 169 8.29 -18.96 1.75
N ARG C 170 9.18 -19.62 1.01
CA ARG C 170 10.19 -18.98 0.18
C ARG C 170 10.16 -19.50 -1.25
N VAL C 171 10.11 -18.58 -2.21
CA VAL C 171 10.11 -18.91 -3.63
C VAL C 171 11.30 -18.21 -4.31
N LEU C 172 12.03 -18.93 -5.18
CA LEU C 172 13.16 -18.35 -5.87
C LEU C 172 12.79 -18.12 -7.33
N TYR C 173 13.01 -16.89 -7.82
CA TYR C 173 12.71 -16.57 -9.21
C TYR C 173 14.06 -16.36 -9.93
N ILE C 174 14.31 -17.08 -11.03
CA ILE C 174 15.55 -16.92 -11.79
C ILE C 174 15.17 -16.50 -13.20
N ASP C 175 15.83 -15.47 -13.72
CA ASP C 175 15.50 -14.93 -15.02
C ASP C 175 16.74 -14.90 -15.93
N ILE C 176 16.74 -15.72 -17.00
CA ILE C 176 17.86 -15.79 -17.95
C ILE C 176 17.56 -15.11 -19.29
N ASP C 177 16.48 -14.31 -19.36
CA ASP C 177 16.16 -13.49 -20.52
C ASP C 177 17.31 -12.44 -20.62
N ILE C 178 17.61 -11.93 -21.81
CA ILE C 178 18.69 -10.93 -21.94
C ILE C 178 18.31 -9.59 -21.27
N HIS C 179 17.01 -9.32 -21.08
CA HIS C 179 16.54 -8.08 -20.46
C HIS C 179 16.28 -8.27 -18.95
N HIS C 180 16.53 -7.22 -18.15
CA HIS C 180 16.32 -7.29 -16.70
C HIS C 180 14.84 -7.58 -16.40
N GLY C 181 14.56 -8.48 -15.46
CA GLY C 181 13.19 -8.82 -15.08
C GLY C 181 12.66 -7.81 -14.07
N ASP C 182 12.53 -6.54 -14.50
CA ASP C 182 12.12 -5.42 -13.65
C ASP C 182 10.75 -5.53 -13.01
N GLY C 183 9.73 -5.96 -13.75
CA GLY C 183 8.38 -6.06 -13.19
C GLY C 183 8.32 -7.04 -12.03
N VAL C 184 9.01 -8.18 -12.15
CA VAL C 184 9.04 -9.21 -11.11
C VAL C 184 9.86 -8.73 -9.91
N GLU C 185 11.04 -8.13 -10.18
CA GLU C 185 11.87 -7.60 -9.10
C GLU C 185 11.11 -6.55 -8.29
N GLU C 186 10.43 -5.62 -8.98
CA GLU C 186 9.66 -4.55 -8.35
C GLU C 186 8.52 -5.10 -7.48
N ALA C 187 7.77 -6.10 -7.98
CA ALA C 187 6.67 -6.70 -7.22
C ALA C 187 7.11 -7.23 -5.85
N PHE C 188 8.32 -7.82 -5.77
CA PHE C 188 8.78 -8.43 -4.54
C PHE C 188 10.01 -7.75 -3.91
N TYR C 189 10.32 -6.51 -4.33
CA TYR C 189 11.48 -5.76 -3.87
C TYR C 189 11.60 -5.62 -2.37
N THR C 190 10.47 -5.52 -1.67
CA THR C 190 10.51 -5.32 -0.22
C THR C 190 10.17 -6.54 0.59
N THR C 191 10.20 -7.75 -0.02
CA THR C 191 9.91 -8.95 0.75
C THR C 191 11.05 -9.96 0.69
N ASP C 192 11.17 -10.73 1.77
CA ASP C 192 12.16 -11.79 1.83
C ASP C 192 11.52 -13.14 1.43
N ARG C 193 10.19 -13.18 1.16
CA ARG C 193 9.53 -14.43 0.77
C ARG C 193 9.76 -14.81 -0.69
N VAL C 194 10.32 -13.91 -1.48
CA VAL C 194 10.68 -14.16 -2.87
C VAL C 194 12.09 -13.60 -3.12
N MET C 195 13.02 -14.42 -3.61
CA MET C 195 14.34 -13.93 -3.99
C MET C 195 14.34 -13.84 -5.50
N THR C 196 14.72 -12.68 -6.08
CA THR C 196 14.74 -12.55 -7.54
C THR C 196 16.20 -12.49 -8.01
N VAL C 197 16.54 -13.29 -9.01
CA VAL C 197 17.91 -13.33 -9.53
C VAL C 197 17.84 -13.12 -11.04
N SER C 198 18.44 -12.05 -11.52
CA SER C 198 18.40 -11.73 -12.94
C SER C 198 19.81 -11.60 -13.51
N PHE C 199 20.04 -12.25 -14.66
CA PHE C 199 21.29 -12.21 -15.43
C PHE C 199 20.88 -11.50 -16.70
N HIS C 200 21.47 -10.34 -16.99
CA HIS C 200 21.02 -9.56 -18.14
C HIS C 200 22.03 -8.58 -18.67
N LYS C 201 21.84 -8.14 -19.91
CA LYS C 201 22.69 -7.11 -20.48
C LYS C 201 22.34 -5.80 -19.79
N TYR C 202 23.35 -5.03 -19.38
CA TYR C 202 23.14 -3.75 -18.69
C TYR C 202 24.05 -2.68 -19.28
N GLY C 203 23.49 -1.49 -19.49
CA GLY C 203 24.24 -0.36 -20.04
C GLY C 203 23.73 -0.02 -21.41
N GLU C 204 23.01 1.12 -21.54
CA GLU C 204 22.39 1.59 -22.80
C GLU C 204 21.55 0.48 -23.41
N TYR C 205 20.70 -0.11 -22.58
CA TYR C 205 19.88 -1.24 -22.99
C TYR C 205 18.61 -1.27 -22.17
N PHE C 206 17.50 -1.59 -22.83
CA PHE C 206 16.17 -1.66 -22.21
C PHE C 206 16.16 -2.73 -21.12
N PRO C 207 15.50 -2.51 -19.96
CA PRO C 207 14.75 -1.31 -19.55
C PRO C 207 15.53 -0.26 -18.76
N GLY C 208 16.85 -0.40 -18.69
CA GLY C 208 17.69 0.57 -17.98
C GLY C 208 17.92 0.30 -16.51
N THR C 209 17.30 -0.75 -15.98
CA THR C 209 17.40 -1.12 -14.56
C THR C 209 18.19 -2.44 -14.36
N GLY C 210 18.34 -2.86 -13.10
CA GLY C 210 19.05 -4.08 -12.79
C GLY C 210 20.53 -3.82 -12.58
N ASP C 211 20.84 -2.73 -11.90
CA ASP C 211 22.21 -2.37 -11.58
C ASP C 211 22.74 -3.33 -10.50
N LEU C 212 24.08 -3.48 -10.43
CA LEU C 212 24.72 -4.31 -9.42
C LEU C 212 24.30 -3.89 -7.99
N ARG C 213 24.10 -2.58 -7.77
CA ARG C 213 23.71 -2.02 -6.46
C ARG C 213 22.23 -2.21 -6.08
N ASP C 214 21.40 -2.71 -7.00
CA ASP C 214 19.98 -2.92 -6.70
C ASP C 214 19.83 -4.26 -6.01
N ILE C 215 19.80 -4.24 -4.68
CA ILE C 215 19.74 -5.45 -3.89
C ILE C 215 18.46 -5.62 -3.05
N GLY C 216 17.49 -4.74 -3.22
CA GLY C 216 16.25 -4.84 -2.44
C GLY C 216 16.16 -3.78 -1.36
N ALA C 217 14.98 -3.66 -0.72
CA ALA C 217 14.77 -2.68 0.35
C ALA C 217 13.91 -3.28 1.49
N GLY C 218 13.99 -2.68 2.69
CA GLY C 218 13.27 -3.15 3.85
C GLY C 218 13.65 -4.58 4.18
N LYS C 219 12.66 -5.43 4.50
CA LYS C 219 12.95 -6.85 4.76
C LYS C 219 13.52 -7.58 3.51
N GLY C 220 13.35 -7.00 2.33
CA GLY C 220 13.83 -7.57 1.09
C GLY C 220 15.27 -7.20 0.75
N LYS C 221 15.96 -6.46 1.65
CA LYS C 221 17.36 -6.09 1.42
C LYS C 221 18.19 -7.37 1.39
N TYR C 222 18.97 -7.54 0.31
CA TYR C 222 19.78 -8.71 -0.04
C TYR C 222 18.98 -9.82 -0.73
N TYR C 223 17.66 -9.63 -0.96
CA TYR C 223 16.82 -10.64 -1.62
C TYR C 223 16.54 -10.34 -3.09
N ALA C 224 17.25 -9.38 -3.67
CA ALA C 224 17.18 -9.09 -5.10
C ALA C 224 18.66 -9.15 -5.55
N VAL C 225 18.92 -9.94 -6.58
CA VAL C 225 20.28 -10.17 -7.10
C VAL C 225 20.31 -9.82 -8.58
N ASN C 226 21.28 -8.98 -8.99
CA ASN C 226 21.42 -8.60 -10.39
C ASN C 226 22.85 -8.83 -10.84
N PHE C 227 23.02 -9.48 -11.98
CA PHE C 227 24.32 -9.76 -12.57
C PHE C 227 24.33 -9.01 -13.89
N PRO C 228 24.78 -7.76 -13.88
CA PRO C 228 24.83 -6.99 -15.14
C PRO C 228 25.95 -7.49 -16.06
N MET C 229 25.61 -7.69 -17.34
CA MET C 229 26.56 -8.21 -18.33
C MET C 229 26.72 -7.30 -19.53
N ARG C 230 27.84 -7.48 -20.27
CA ARG C 230 28.12 -6.72 -21.47
C ARG C 230 27.90 -7.63 -22.71
N ASP C 231 27.94 -7.07 -23.92
CA ASP C 231 27.75 -7.85 -25.16
C ASP C 231 28.65 -9.09 -25.27
N GLY C 232 28.20 -10.04 -26.08
CA GLY C 232 28.95 -11.23 -26.46
C GLY C 232 29.27 -12.32 -25.46
N ILE C 233 28.58 -12.37 -24.30
CA ILE C 233 28.84 -13.45 -23.34
C ILE C 233 28.62 -14.82 -23.98
N ASP C 234 29.53 -15.77 -23.74
CA ASP C 234 29.45 -17.09 -24.36
C ASP C 234 29.08 -18.20 -23.36
N ASP C 235 28.90 -19.44 -23.84
CA ASP C 235 28.55 -20.57 -22.98
C ASP C 235 29.52 -20.77 -21.82
N GLU C 236 30.84 -20.73 -22.08
CA GLU C 236 31.84 -20.91 -21.03
C GLU C 236 31.73 -19.83 -19.96
N SER C 237 31.76 -18.55 -20.33
CA SER C 237 31.68 -17.45 -19.36
C SER C 237 30.37 -17.44 -18.57
N TYR C 238 29.24 -17.68 -19.25
CA TYR C 238 27.92 -17.68 -18.59
C TYR C 238 27.77 -18.86 -17.63
N GLY C 239 28.18 -20.05 -18.07
CA GLY C 239 28.12 -21.25 -17.26
C GLY C 239 29.00 -21.15 -16.02
N GLN C 240 30.14 -20.44 -16.13
CA GLN C 240 31.08 -20.22 -15.03
C GLN C 240 30.51 -19.32 -13.92
N ILE C 241 29.47 -18.50 -14.23
CA ILE C 241 28.91 -17.64 -13.18
C ILE C 241 27.53 -18.15 -12.74
N PHE C 242 26.74 -18.75 -13.65
CA PHE C 242 25.41 -19.24 -13.32
C PHE C 242 25.41 -20.32 -12.22
N LYS C 243 26.15 -21.44 -12.42
CA LYS C 243 26.19 -22.51 -11.42
C LYS C 243 26.71 -22.03 -10.03
N PRO C 244 27.88 -21.33 -9.90
CA PRO C 244 28.32 -20.89 -8.57
C PRO C 244 27.32 -19.96 -7.87
N ILE C 245 26.75 -18.97 -8.60
CA ILE C 245 25.78 -18.02 -8.05
C ILE C 245 24.49 -18.75 -7.60
N ILE C 246 23.89 -19.57 -8.50
CA ILE C 246 22.67 -20.30 -8.14
C ILE C 246 22.91 -21.27 -6.98
N SER C 247 24.09 -21.95 -6.93
CA SER C 247 24.37 -22.87 -5.82
C SER C 247 24.45 -22.12 -4.49
N LYS C 248 25.10 -20.93 -4.49
CA LYS C 248 25.20 -20.13 -3.26
C LYS C 248 23.80 -19.65 -2.86
N VAL C 249 22.98 -19.22 -3.85
CA VAL C 249 21.61 -18.80 -3.59
C VAL C 249 20.81 -19.96 -2.94
N MET C 250 20.86 -21.18 -3.52
CA MET C 250 20.15 -22.35 -3.00
C MET C 250 20.57 -22.65 -1.55
N GLU C 251 21.88 -22.61 -1.30
CA GLU C 251 22.46 -22.86 0.01
C GLU C 251 21.98 -21.85 1.08
N MET C 252 22.10 -20.54 0.81
CA MET C 252 21.72 -19.47 1.72
C MET C 252 20.20 -19.24 1.86
N TYR C 253 19.48 -19.30 0.76
CA TYR C 253 18.05 -19.00 0.76
C TYR C 253 17.16 -20.20 1.04
N GLN C 254 17.56 -21.40 0.60
CA GLN C 254 16.78 -22.62 0.78
C GLN C 254 15.30 -22.47 0.36
N PRO C 255 15.03 -22.18 -0.92
CA PRO C 255 13.63 -22.04 -1.35
C PRO C 255 12.91 -23.38 -1.46
N SER C 256 11.57 -23.36 -1.39
CA SER C 256 10.81 -24.60 -1.54
C SER C 256 10.14 -24.74 -2.91
N ALA C 257 10.23 -23.71 -3.76
CA ALA C 257 9.71 -23.72 -5.13
C ALA C 257 10.54 -22.75 -5.98
N VAL C 258 10.67 -23.05 -7.27
CA VAL C 258 11.48 -22.21 -8.16
C VAL C 258 10.70 -21.87 -9.41
N VAL C 259 10.84 -20.62 -9.87
CA VAL C 259 10.22 -20.17 -11.12
C VAL C 259 11.38 -19.75 -12.00
N LEU C 260 11.51 -20.36 -13.17
CA LEU C 260 12.59 -20.06 -14.09
C LEU C 260 12.04 -19.47 -15.39
N GLN C 261 12.36 -18.20 -15.67
CA GLN C 261 11.95 -17.51 -16.89
C GLN C 261 13.11 -17.81 -17.88
N CYS C 262 12.78 -18.51 -18.97
CA CYS C 262 13.71 -19.01 -20.00
C CYS C 262 13.75 -18.17 -21.28
N GLY C 263 13.79 -16.85 -21.15
CA GLY C 263 13.84 -15.93 -22.28
C GLY C 263 14.94 -16.31 -23.27
N ALA C 264 14.53 -16.67 -24.51
CA ALA C 264 15.46 -17.15 -25.54
C ALA C 264 16.19 -16.05 -26.30
N ASP C 265 16.03 -14.78 -25.90
CA ASP C 265 16.72 -13.68 -26.55
C ASP C 265 18.18 -13.52 -26.07
N SER C 266 18.63 -14.37 -25.13
CA SER C 266 20.03 -14.39 -24.69
C SER C 266 20.87 -15.33 -25.63
N LEU C 267 20.24 -15.91 -26.69
CA LEU C 267 20.95 -16.77 -27.64
C LEU C 267 21.66 -15.96 -28.71
N SER C 268 22.72 -16.54 -29.28
CA SER C 268 23.46 -15.96 -30.38
C SER C 268 22.49 -15.84 -31.59
N GLY C 269 22.60 -14.75 -32.35
CA GLY C 269 21.76 -14.52 -33.51
C GLY C 269 20.38 -13.93 -33.25
N ASP C 270 20.06 -13.60 -31.97
CA ASP C 270 18.74 -13.01 -31.67
C ASP C 270 18.58 -11.63 -32.31
N ARG C 271 17.40 -11.34 -32.88
CA ARG C 271 17.11 -10.06 -33.51
C ARG C 271 17.30 -8.84 -32.61
N LEU C 272 16.95 -8.95 -31.32
CA LEU C 272 17.08 -7.83 -30.39
C LEU C 272 18.23 -7.97 -29.38
N GLY C 273 18.64 -9.21 -29.11
CA GLY C 273 19.70 -9.51 -28.16
C GLY C 273 21.11 -9.46 -28.73
N CYS C 274 22.10 -9.31 -27.86
CA CYS C 274 23.51 -9.24 -28.23
C CYS C 274 24.38 -10.18 -27.40
N PHE C 275 23.84 -11.33 -26.98
CA PHE C 275 24.58 -12.36 -26.25
C PHE C 275 25.00 -13.45 -27.27
N ASN C 276 25.91 -14.36 -26.88
CA ASN C 276 26.40 -15.38 -27.81
C ASN C 276 26.23 -16.80 -27.29
N LEU C 277 25.12 -17.09 -26.60
CA LEU C 277 24.89 -18.44 -26.09
C LEU C 277 24.35 -19.37 -27.15
N THR C 278 24.61 -20.66 -27.00
CA THR C 278 24.02 -21.65 -27.90
C THR C 278 22.82 -22.23 -27.14
N VAL C 279 21.99 -23.07 -27.79
CA VAL C 279 20.85 -23.71 -27.14
C VAL C 279 21.36 -24.56 -25.95
N LYS C 280 22.51 -25.24 -26.13
CA LYS C 280 23.10 -26.03 -25.06
C LYS C 280 23.55 -25.17 -23.87
N GLY C 281 24.11 -24.00 -24.13
CA GLY C 281 24.56 -23.10 -23.07
C GLY C 281 23.40 -22.53 -22.28
N HIS C 282 22.29 -22.22 -22.99
CA HIS C 282 21.06 -21.70 -22.41
C HIS C 282 20.39 -22.82 -21.59
N ALA C 283 20.24 -24.04 -22.18
CA ALA C 283 19.62 -25.18 -21.50
C ALA C 283 20.41 -25.68 -20.31
N LYS C 284 21.74 -25.35 -20.23
CA LYS C 284 22.55 -25.74 -19.07
C LYS C 284 21.95 -25.13 -17.79
N CYS C 285 21.35 -23.92 -17.90
CA CYS C 285 20.68 -23.24 -16.78
C CYS C 285 19.52 -24.11 -16.24
N VAL C 286 18.75 -24.71 -17.14
CA VAL C 286 17.64 -25.58 -16.74
C VAL C 286 18.19 -26.82 -16.02
N GLU C 287 19.28 -27.40 -16.56
CA GLU C 287 19.92 -28.58 -15.98
C GLU C 287 20.41 -28.30 -14.57
N VAL C 288 21.08 -27.17 -14.35
CA VAL C 288 21.58 -26.81 -13.03
C VAL C 288 20.44 -26.66 -12.03
N VAL C 289 19.37 -25.93 -12.44
CA VAL C 289 18.21 -25.73 -11.56
C VAL C 289 17.56 -27.07 -11.18
N LYS C 290 17.45 -28.00 -12.13
CA LYS C 290 16.87 -29.32 -11.89
C LYS C 290 17.61 -30.17 -10.82
N THR C 291 18.94 -30.01 -10.70
CA THR C 291 19.73 -30.77 -9.72
C THR C 291 19.31 -30.52 -8.26
N PHE C 292 18.59 -29.42 -7.98
CA PHE C 292 18.18 -29.12 -6.61
C PHE C 292 16.86 -29.84 -6.19
N ASN C 293 16.22 -30.57 -7.11
CA ASN C 293 14.99 -31.34 -6.88
C ASN C 293 13.89 -30.54 -6.17
N LEU C 294 13.60 -29.34 -6.68
CA LEU C 294 12.54 -28.51 -6.11
C LEU C 294 11.41 -28.35 -7.12
N PRO C 295 10.13 -28.16 -6.68
CA PRO C 295 9.03 -27.90 -7.63
C PRO C 295 9.43 -26.73 -8.54
N LEU C 296 9.31 -26.90 -9.87
CA LEU C 296 9.77 -25.92 -10.82
C LEU C 296 8.74 -25.52 -11.87
N LEU C 297 8.56 -24.21 -12.03
CA LEU C 297 7.68 -23.65 -13.04
C LEU C 297 8.60 -23.02 -14.11
N MET C 298 8.61 -23.58 -15.32
CA MET C 298 9.44 -23.07 -16.41
C MET C 298 8.57 -22.23 -17.32
N LEU C 299 8.97 -20.98 -17.58
CA LEU C 299 8.19 -20.07 -18.40
C LEU C 299 9.00 -19.53 -19.59
N GLY C 300 8.29 -19.01 -20.60
CA GLY C 300 8.95 -18.42 -21.75
C GLY C 300 9.43 -17.02 -21.47
N GLY C 301 9.36 -16.16 -22.47
CA GLY C 301 9.78 -14.78 -22.32
C GLY C 301 10.15 -14.23 -23.67
N GLY C 302 11.25 -13.51 -23.75
CA GLY C 302 11.76 -12.97 -25.01
C GLY C 302 12.25 -14.04 -25.96
N GLY C 303 12.67 -13.62 -27.15
CA GLY C 303 13.15 -14.53 -28.18
C GLY C 303 12.56 -14.02 -29.47
N TYR C 304 13.41 -13.43 -30.34
CA TYR C 304 12.93 -12.73 -31.53
C TYR C 304 13.43 -13.30 -32.88
N THR C 305 14.29 -14.36 -32.85
CA THR C 305 14.69 -15.08 -34.08
C THR C 305 13.92 -16.37 -33.81
N ILE C 306 12.63 -16.38 -34.24
CA ILE C 306 11.68 -17.43 -33.89
C ILE C 306 12.11 -18.87 -34.22
N ARG C 307 12.91 -19.12 -35.28
CA ARG C 307 13.35 -20.51 -35.55
C ARG C 307 14.29 -20.97 -34.40
N ASN C 308 15.08 -20.05 -33.82
CA ASN C 308 15.97 -20.39 -32.70
C ASN C 308 15.21 -20.51 -31.38
N VAL C 309 14.10 -19.78 -31.23
CA VAL C 309 13.26 -19.89 -30.05
C VAL C 309 12.63 -21.29 -30.02
N ALA C 310 12.12 -21.75 -31.19
CA ALA C 310 11.53 -23.09 -31.29
C ALA C 310 12.57 -24.17 -30.94
N ARG C 311 13.81 -24.02 -31.40
CA ARG C 311 14.88 -24.97 -31.08
C ARG C 311 15.18 -24.98 -29.58
N CYS C 312 15.34 -23.78 -28.99
CA CYS C 312 15.67 -23.60 -27.57
C CYS C 312 14.63 -24.20 -26.62
N TRP C 313 13.36 -23.84 -26.79
CA TRP C 313 12.32 -24.32 -25.88
C TRP C 313 11.98 -25.79 -26.11
N THR C 314 12.19 -26.31 -27.35
CA THR C 314 11.98 -27.73 -27.61
C THR C 314 13.06 -28.51 -26.81
N TYR C 315 14.32 -28.07 -26.89
CA TYR C 315 15.41 -28.72 -26.18
C TYR C 315 15.26 -28.59 -24.66
N GLU C 316 14.80 -27.42 -24.18
CA GLU C 316 14.60 -27.23 -22.73
C GLU C 316 13.42 -28.11 -22.23
N THR C 317 12.44 -28.42 -23.10
CA THR C 317 11.34 -29.31 -22.71
C THR C 317 11.92 -30.74 -22.60
N ALA C 318 12.83 -31.13 -23.51
CA ALA C 318 13.49 -32.44 -23.49
C ALA C 318 14.35 -32.55 -22.23
N VAL C 319 15.01 -31.45 -21.83
CA VAL C 319 15.83 -31.41 -20.60
C VAL C 319 14.90 -31.66 -19.40
N ALA C 320 13.74 -30.97 -19.34
CA ALA C 320 12.79 -31.16 -18.24
C ALA C 320 12.33 -32.63 -18.14
N LEU C 321 12.12 -33.28 -19.30
CA LEU C 321 11.72 -34.68 -19.37
C LEU C 321 12.90 -35.68 -19.22
N ASP C 322 14.15 -35.17 -19.23
CA ASP C 322 15.37 -35.99 -19.18
C ASP C 322 15.37 -37.01 -20.34
N CYS C 323 14.95 -36.55 -21.52
CA CYS C 323 14.91 -37.39 -22.70
CA CYS C 323 14.89 -37.38 -22.72
C CYS C 323 15.88 -36.85 -23.75
N GLU C 324 16.86 -37.66 -24.14
CA GLU C 324 17.83 -37.22 -25.14
C GLU C 324 17.13 -37.18 -26.50
N ILE C 325 17.29 -36.10 -27.26
CA ILE C 325 16.67 -36.00 -28.59
C ILE C 325 17.76 -35.77 -29.65
N PRO C 326 17.63 -36.41 -30.83
CA PRO C 326 18.68 -36.25 -31.86
C PRO C 326 18.80 -34.85 -32.44
N ASN C 327 20.02 -34.49 -32.87
CA ASN C 327 20.30 -33.20 -33.48
C ASN C 327 19.55 -33.02 -34.82
N GLU C 328 19.21 -34.13 -35.50
CA GLU C 328 18.50 -34.06 -36.77
C GLU C 328 17.03 -33.79 -36.46
N LEU C 329 16.52 -32.64 -36.92
CA LEU C 329 15.13 -32.27 -36.66
C LEU C 329 14.18 -33.25 -37.32
N PRO C 330 13.12 -33.66 -36.61
CA PRO C 330 12.14 -34.53 -37.25
C PRO C 330 11.32 -33.69 -38.25
N TYR C 331 10.55 -34.38 -39.10
CA TYR C 331 9.69 -33.70 -40.04
C TYR C 331 8.61 -32.94 -39.24
N ASN C 332 8.26 -31.73 -39.65
CA ASN C 332 7.26 -30.93 -38.95
C ASN C 332 6.60 -29.90 -39.88
N ASP C 333 5.51 -29.25 -39.42
CA ASP C 333 4.75 -28.24 -40.16
C ASP C 333 5.57 -27.02 -40.58
N TYR C 334 6.72 -26.79 -39.95
CA TYR C 334 7.55 -25.62 -40.27
C TYR C 334 8.97 -26.04 -40.68
N PHE C 335 9.13 -27.29 -41.18
CA PHE C 335 10.40 -27.89 -41.56
C PHE C 335 11.27 -26.96 -42.40
N GLU C 336 10.69 -26.36 -43.45
CA GLU C 336 11.36 -25.44 -44.36
C GLU C 336 12.03 -24.25 -43.66
N TYR C 337 11.49 -23.81 -42.51
CA TYR C 337 12.02 -22.67 -41.74
C TYR C 337 13.42 -22.96 -41.15
N PHE C 338 13.75 -24.25 -40.95
CA PHE C 338 15.02 -24.64 -40.34
C PHE C 338 16.15 -24.98 -41.31
N GLY C 339 15.97 -24.66 -42.60
CA GLY C 339 16.96 -24.93 -43.62
C GLY C 339 18.18 -24.04 -43.57
N PRO C 340 19.28 -24.40 -44.26
CA PRO C 340 19.46 -25.58 -45.13
C PRO C 340 19.99 -26.84 -44.44
N ASP C 341 20.43 -26.75 -43.17
CA ASP C 341 20.97 -27.93 -42.48
C ASP C 341 19.95 -28.73 -41.68
N PHE C 342 18.83 -28.09 -41.30
CA PHE C 342 17.74 -28.74 -40.56
C PHE C 342 18.19 -29.41 -39.25
N LYS C 343 19.04 -28.73 -38.46
CA LYS C 343 19.53 -29.27 -37.18
C LYS C 343 18.93 -28.52 -35.98
N LEU C 344 18.94 -29.15 -34.81
CA LEU C 344 18.39 -28.58 -33.58
C LEU C 344 19.37 -27.61 -32.94
N HIS C 345 20.65 -27.96 -32.92
CA HIS C 345 21.66 -27.12 -32.29
C HIS C 345 22.25 -26.09 -33.24
N ILE C 346 22.56 -24.92 -32.70
CA ILE C 346 23.12 -23.82 -33.46
C ILE C 346 24.56 -23.56 -33.08
N SER C 347 25.32 -23.05 -34.02
CA SER C 347 26.72 -22.72 -33.78
C SER C 347 26.77 -21.26 -33.30
N PRO C 348 27.63 -20.93 -32.31
CA PRO C 348 27.72 -19.52 -31.88
C PRO C 348 28.38 -18.68 -32.96
N SER C 349 28.28 -17.35 -32.84
CA SER C 349 28.89 -16.43 -33.80
C SER C 349 30.34 -16.12 -33.36
N ASN C 350 31.06 -15.33 -34.16
CA ASN C 350 32.43 -14.94 -33.80
C ASN C 350 32.46 -13.56 -33.11
N MET C 351 31.30 -13.08 -32.57
CA MET C 351 31.25 -11.79 -31.90
C MET C 351 32.18 -11.78 -30.69
N THR C 352 32.75 -10.62 -30.42
CA THR C 352 33.67 -10.45 -29.31
C THR C 352 32.95 -10.48 -27.96
N ASN C 353 33.45 -11.28 -27.01
CA ASN C 353 32.87 -11.31 -25.67
C ASN C 353 33.44 -10.10 -24.93
N GLN C 354 32.62 -9.08 -24.66
CA GLN C 354 33.07 -7.86 -23.99
C GLN C 354 33.18 -7.98 -22.46
N ASN C 355 32.83 -9.15 -21.90
CA ASN C 355 32.92 -9.37 -20.46
C ASN C 355 34.30 -9.93 -20.19
N THR C 356 35.21 -9.10 -19.69
CA THR C 356 36.56 -9.57 -19.38
C THR C 356 36.55 -10.50 -18.16
N PRO C 357 37.52 -11.42 -18.04
CA PRO C 357 37.58 -12.26 -16.82
C PRO C 357 37.65 -11.40 -15.55
N GLU C 358 38.34 -10.24 -15.61
CA GLU C 358 38.44 -9.36 -14.45
C GLU C 358 37.04 -8.83 -14.06
N TYR C 359 36.27 -8.42 -15.06
CA TYR C 359 34.92 -7.89 -14.84
C TYR C 359 34.02 -8.94 -14.20
N MET C 360 33.95 -10.13 -14.81
CA MET C 360 33.11 -11.21 -14.29
C MET C 360 33.47 -11.59 -12.85
N GLU C 361 34.77 -11.65 -12.54
CA GLU C 361 35.20 -11.99 -11.18
C GLU C 361 34.80 -10.92 -10.16
N LYS C 362 34.84 -9.65 -10.54
CA LYS C 362 34.47 -8.53 -9.68
C LYS C 362 32.96 -8.61 -9.35
N ILE C 363 32.11 -8.86 -10.37
CA ILE C 363 30.66 -8.95 -10.14
C ILE C 363 30.35 -10.18 -9.28
N LYS C 364 30.93 -11.36 -9.62
CA LYS C 364 30.71 -12.60 -8.87
C LYS C 364 31.11 -12.42 -7.40
N GLN C 365 32.25 -11.73 -7.13
CA GLN C 365 32.67 -11.52 -5.74
C GLN C 365 31.70 -10.64 -4.99
N ARG C 366 31.19 -9.59 -5.63
CA ARG C 366 30.22 -8.70 -5.00
C ARG C 366 28.94 -9.48 -4.67
N LEU C 367 28.46 -10.33 -5.61
CA LEU C 367 27.25 -11.10 -5.35
C LEU C 367 27.45 -12.09 -4.22
N PHE C 368 28.63 -12.69 -4.12
CA PHE C 368 28.94 -13.63 -3.05
C PHE C 368 28.95 -12.90 -1.71
N GLU C 369 29.44 -11.65 -1.67
CA GLU C 369 29.46 -10.83 -0.46
C GLU C 369 28.01 -10.50 -0.03
N ASN C 370 27.16 -10.16 -0.99
CA ASN C 370 25.76 -9.83 -0.69
C ASN C 370 25.02 -11.08 -0.19
N LEU C 371 25.30 -12.25 -0.80
CA LEU C 371 24.68 -13.50 -0.40
C LEU C 371 25.07 -13.91 1.02
N ARG C 372 26.28 -13.54 1.48
N ARG C 372 26.28 -13.54 1.48
CA ARG C 372 26.73 -13.86 2.83
CA ARG C 372 26.73 -13.84 2.84
C ARG C 372 25.98 -13.01 3.90
C ARG C 372 25.95 -13.03 3.89
N MET C 373 25.42 -11.85 3.51
CA MET C 373 24.66 -10.97 4.40
C MET C 373 23.25 -11.52 4.71
N LEU C 374 22.83 -12.63 4.08
CA LEU C 374 21.53 -13.24 4.32
C LEU C 374 21.49 -13.85 5.73
N PRO C 375 20.39 -13.65 6.46
CA PRO C 375 20.29 -14.21 7.82
C PRO C 375 20.43 -15.72 7.91
ZN ZN D . 7.11 22.90 9.48
S SO4 E . -10.30 47.32 11.64
O1 SO4 E . -10.83 47.05 10.29
O2 SO4 E . -9.63 46.14 12.15
O3 SO4 E . -11.40 47.67 12.54
O4 SO4 E . -9.35 48.44 11.56
S SO4 F . -8.45 6.98 -4.51
O1 SO4 F . -9.07 5.84 -5.22
O2 SO4 F . -7.27 6.52 -3.76
O3 SO4 F . -7.99 7.98 -5.53
O4 SO4 F . -9.50 7.64 -3.67
S SO4 G . -5.52 42.90 -4.66
O1 SO4 G . -6.82 42.36 -4.28
O2 SO4 G . -4.52 41.83 -4.70
O3 SO4 G . -5.62 43.51 -5.99
O4 SO4 G . -5.11 43.92 -3.70
S SO4 H . 14.77 19.71 23.65
O1 SO4 H . 13.86 20.18 22.61
O2 SO4 H . 15.37 18.44 23.23
O3 SO4 H . 15.83 20.70 23.86
O4 SO4 H . 14.03 19.50 24.90
CA CA I . 6.69 19.70 3.02
CA CA J . 1.22 23.99 -9.92
C1 PEG K . 16.40 44.58 15.52
O1 PEG K . 17.77 44.59 15.86
C2 PEG K . 15.53 44.44 16.73
O2 PEG K . 14.18 44.28 16.35
C3 PEG K . 13.44 43.49 17.27
C4 PEG K . 12.33 44.31 17.87
O4 PEG K . 12.83 45.32 18.74
C1 PEG L . 21.19 22.33 26.53
O1 PEG L . 22.19 23.17 27.09
C2 PEG L . 21.77 21.17 25.79
O2 PEG L . 20.73 20.45 25.15
C3 PEG L . 20.89 19.04 25.20
C4 PEG L . 19.81 18.42 26.05
O4 PEG L . 19.97 17.01 26.16
C1 PEG M . 18.40 35.03 22.28
O1 PEG M . 19.25 34.58 23.33
C2 PEG M . 17.08 35.50 22.80
O2 PEG M . 16.24 35.88 21.71
C3 PEG M . 16.18 37.28 21.51
C4 PEG M . 14.77 37.76 21.67
O4 PEG M . 14.31 37.63 23.02
N4 V1S N . 2.46 21.86 16.10
C27 V1S N . 2.15 22.90 16.44
C26 V1S N . 1.75 24.23 16.82
N3 V1S N . 2.16 24.83 17.98
C19 V1S N . 1.67 26.06 17.95
C20 V1S N . 1.85 27.08 19.00
C25 V1S N . 1.57 28.42 18.75
C24 V1S N . 1.75 29.37 19.73
C23 V1S N . 2.21 28.98 20.95
F V1S N . 2.40 29.92 21.92
C22 V1S N . 2.49 27.67 21.25
C21 V1S N . 2.31 26.72 20.26
N2 V1S N . 0.94 26.26 16.79
C18 V1S N . 0.99 25.10 16.07
C8 V1S N . 0.36 24.88 14.72
C7 V1S N . 1.14 25.61 13.63
C6 V1S N . 2.45 24.97 13.18
C5 V1S N . 3.14 25.73 12.06
C4 V1S N . 4.40 25.11 11.46
C3 V1S N . 5.10 26.11 10.52
C2 V1S N . 6.14 25.52 9.57
O1 V1S N . 5.54 24.63 8.65
O V1S N . 7.13 24.86 10.31
C1 V1S N . 6.76 26.60 8.69
C V1S N . 7.40 27.76 9.44
N V1S N . -1.01 25.35 14.78
C9 V1S N . -2.01 24.55 15.14
O2 V1S N . -1.85 23.36 15.42
C10 V1S N . -3.37 25.22 15.20
C12 V1S N . -4.07 25.35 16.53
C11 V1S N . -4.63 24.41 15.53
C17 V1S N . -3.42 24.80 17.81
C16 V1S N . -2.52 25.81 18.48
N1 V1S N . -3.26 27.08 18.79
C15 V1S N . -2.36 28.08 19.45
C14 V1S N . -3.88 27.66 17.55
C13 V1S N . -4.80 26.65 16.88
ZN ZN O . -16.03 -14.43 17.89
S SO4 P . -19.50 -4.63 46.47
O1 SO4 P . -20.72 -5.42 46.56
O2 SO4 P . -18.81 -4.97 45.22
O3 SO4 P . -19.85 -3.20 46.51
O4 SO4 P . -18.62 -4.94 47.59
S SO4 Q . -0.92 -10.95 11.69
O1 SO4 Q . -1.98 -11.49 12.54
O2 SO4 Q . -1.00 -11.55 10.35
O3 SO4 Q . -1.08 -9.51 11.59
O4 SO4 Q . 0.39 -11.26 12.28
CA CA R . -21.68 -18.13 15.45
CA CA S . -35.57 -19.75 20.26
C1 PEG T . 1.38 -25.79 8.08
O1 PEG T . 1.91 -24.94 7.07
C2 PEG T . -0.01 -26.21 7.76
O2 PEG T . -0.04 -27.03 6.61
C3 PEG T . -1.36 -27.31 6.18
C4 PEG T . -1.35 -28.39 5.15
O4 PEG T . -0.96 -29.64 5.69
C1 PEG U . -13.37 8.15 25.46
O1 PEG U . -13.46 8.15 24.05
C2 PEG U . -12.49 7.05 25.96
O2 PEG U . -11.13 7.44 25.91
C3 PEG U . -10.38 6.98 27.01
C4 PEG U . -10.12 8.08 28.00
O4 PEG U . -11.28 8.38 28.78
N4 V1S V . -9.55 -17.13 22.04
C27 V1S V . -9.51 -16.41 22.92
C26 V1S V . -9.43 -15.49 24.01
N3 V1S V . -8.40 -14.58 24.16
C19 V1S V . -8.66 -13.93 25.28
C20 V1S V . -7.80 -12.88 25.88
C25 V1S V . -8.31 -12.00 26.82
C24 V1S V . -7.51 -11.02 27.39
C23 V1S V . -6.20 -10.95 26.98
F V1S V . -5.43 -9.94 27.49
C22 V1S V . -5.65 -11.80 26.07
C21 V1S V . -6.46 -12.77 25.51
N2 V1S V . -9.83 -14.38 25.84
C18 V1S V . -10.34 -15.36 25.03
C8 V1S V . -11.62 -16.10 25.24
C7 V1S V . -12.83 -15.23 24.86
C6 V1S V . -13.04 -14.99 23.37
C5 V1S V . -14.22 -14.06 23.06
C4 V1S V . -14.74 -14.01 21.62
C3 V1S V . -15.79 -12.91 21.47
C2 V1S V . -16.55 -12.91 20.14
O1 V1S V . -15.59 -12.80 19.10
O V1S V . -17.31 -14.09 20.00
C1 V1S V . -17.56 -11.77 20.00
C V1S V . -16.96 -10.36 20.22
N V1S V . -11.69 -16.49 26.64
C9 V1S V . -11.23 -17.68 27.06
O2 V1S V . -10.77 -18.52 26.29
C10 V1S V . -11.30 -17.90 28.55
C12 V1S V . -9.98 -17.98 29.31
C11 V1S V . -10.82 -19.21 29.18
C17 V1S V . -9.92 -17.22 30.63
C16 V1S V . -9.37 -15.81 30.47
N1 V1S V . -8.03 -15.81 29.79
C15 V1S V . -7.47 -14.45 29.67
C14 V1S V . -8.12 -16.48 28.46
C13 V1S V . -8.63 -17.91 28.58
ZN ZN W . 14.04 -10.05 -23.40
S SO4 X . 34.64 -1.64 -15.44
O1 SO4 X . 34.26 -2.78 -14.59
O2 SO4 X . 35.32 -2.13 -16.63
O3 SO4 X . 33.43 -0.91 -15.82
O4 SO4 X . 35.52 -0.76 -14.69
S SO4 Y . 13.13 -15.52 -37.82
O1 SO4 Y . 13.38 -16.92 -37.43
O2 SO4 Y . 12.19 -15.51 -38.96
O3 SO4 Y . 14.39 -14.89 -38.21
O4 SO4 Y . 12.53 -14.77 -36.70
S SO4 Z . -8.46 -17.12 -4.28
O1 SO4 Z . -8.79 -16.86 -5.68
O2 SO4 Z . -8.58 -18.55 -4.00
O3 SO4 Z . -9.41 -16.39 -3.42
O4 SO4 Z . -7.10 -16.67 -4.00
S SO4 AA . -11.94 -20.90 -20.19
O1 SO4 AA . -12.51 -22.24 -20.41
O2 SO4 AA . -10.70 -20.76 -20.94
O3 SO4 AA . -12.90 -19.88 -20.62
O4 SO4 AA . -11.67 -20.74 -18.75
CA CA BA . 12.72 -9.79 -2.96
CA CA CA . 17.14 -11.47 -17.06
C1 PEG DA . 2.39 -19.30 3.91
O1 PEG DA . 3.39 -18.78 4.77
C2 PEG DA . 2.88 -20.50 3.16
O2 PEG DA . 2.88 -21.63 4.02
C3 PEG DA . 3.91 -22.56 3.71
C4 PEG DA . 4.17 -23.44 4.88
O4 PEG DA . 3.05 -24.24 5.21
C1 PEG EA . 16.88 2.68 -20.79
O1 PEG EA . 18.29 2.79 -20.95
C2 PEG EA . 16.25 1.94 -21.93
O2 PEG EA . 14.91 1.59 -21.60
C3 PEG EA . 13.98 2.65 -21.73
C4 PEG EA . 12.72 2.33 -20.99
O4 PEG EA . 12.94 2.16 -19.60
N4 V1S FA . 15.30 -3.91 -28.52
C27 V1S FA . 14.25 -3.49 -28.67
C26 V1S FA . 12.93 -2.99 -28.91
N3 V1S FA . 12.32 -3.07 -30.14
C19 V1S FA . 11.13 -2.48 -29.99
C20 V1S FA . 10.13 -2.33 -31.06
C25 V1S FA . 10.47 -2.52 -32.40
C24 V1S FA . 9.53 -2.38 -33.40
C23 V1S FA . 8.26 -2.04 -33.05
F V1S FA . 7.32 -1.92 -34.04
C22 V1S FA . 7.87 -1.84 -31.75
C21 V1S FA . 8.81 -1.98 -30.76
N2 V1S FA . 10.96 -2.03 -28.69
C18 V1S FA . 12.09 -2.35 -27.99
C8 V1S FA . 12.31 -2.10 -26.53
C7 V1S FA . 11.55 -3.12 -25.67
C6 V1S FA . 12.16 -4.53 -25.61
C5 V1S FA . 11.30 -5.50 -24.82
C4 V1S FA . 11.86 -6.89 -24.58
C3 V1S FA . 10.83 -7.78 -23.88
C2 V1S FA . 11.38 -9.06 -23.26
O1 V1S FA . 12.29 -8.69 -22.24
O V1S FA . 12.03 -9.83 -24.24
C1 V1S FA . 10.27 -9.83 -22.54
C V1S FA . 9.15 -10.31 -23.46
N V1S FA . 11.90 -0.74 -26.21
C9 V1S FA . 12.73 0.30 -26.32
O2 V1S FA . 13.87 0.20 -26.78
C10 V1S FA . 12.18 1.62 -25.86
C12 V1S FA . 12.01 2.69 -26.90
C11 V1S FA . 13.06 2.86 -25.87
C17 V1S FA . 12.39 2.39 -28.35
C16 V1S FA . 11.22 1.78 -29.12
N1 V1S FA . 10.00 2.64 -29.05
C15 V1S FA . 8.87 2.02 -29.80
C14 V1S FA . 9.61 2.93 -27.63
C13 V1S FA . 10.75 3.57 -26.86
#